data_5SZR
#
_entry.id   5SZR
#
_cell.length_a   104.755
_cell.length_b   104.755
_cell.length_c   352.136
_cell.angle_alpha   90.00
_cell.angle_beta   90.00
_cell.angle_gamma   90.00
#
_symmetry.space_group_name_H-M   'P 41 21 2'
#
loop_
_entity.id
_entity.type
_entity.pdbx_description
1 polymer 'Protein Pcdhgb2'
2 branched beta-D-mannopyranose-(1-4)-2-acetamido-2-deoxy-beta-D-glucopyranose-(1-4)-[alpha-L-fucopyranose-(1-6)]2-acetamido-2-deoxy-beta-D-glucopyranose
3 branched alpha-L-fucopyranose-(1-6)-2-acetamido-2-deoxy-beta-D-glucopyranose
4 branched 2-acetamido-2-deoxy-beta-D-glucopyranose-(1-4)-[alpha-L-fucopyranose-(1-6)]2-acetamido-2-deoxy-beta-D-glucopyranose
5 non-polymer 'CALCIUM ION'
6 non-polymer alpha-D-mannopyranose
7 non-polymer 1,2-ETHANEDIOL
8 water water
#
_entity_poly.entity_id   1
_entity_poly.type   'polypeptide(L)'
_entity_poly.pdbx_seq_one_letter_code
;NPPMFSQDVFSVTLREDVPPGFSVLQVTATDQDEGVNAEITYAFHNVDEQVERIFNLDKRTGEITTKDNLDFETAKSYTL
NVEAKDPGDLASHCSIQVKILDENDCVPEVIVTSVFTPLPEDSPLGTVIALIKTRDRDSGENGDVYCHVLGNEGFVLKSS
SKNYYKLVTDRTLDREAIPEYNVTIVAADRGKPPLSSNVIITLHISDVNDNAPVFHQASYLVHVAENNPPGTSIAQVSAS
DPDLGSNGLISYSIIASDLEPRALSSFVSVNQDSGVVFAQRAFDHEQLRSFQLTLQARDHGSPTLSANVSMRVLVGDRND
NAPRVLYPTLEPDGSALFDMVPRAAEPGYLVTKVVAVDADSGHNAWLSYHVLQASDPGLFSLGLRTGEVRTARALGDRDS
ARQRLLVAVRDGGQPPLSATATLHLIFADSLQEHHHHHHHH
;
_entity_poly.pdbx_strand_id   A,B,C
#
# COMPACT_ATOMS: atom_id res chain seq x y z
N PRO A 2 -70.06 42.28 -20.85
CA PRO A 2 -68.93 42.33 -19.91
C PRO A 2 -67.83 41.35 -20.29
N PRO A 3 -66.60 41.60 -19.83
CA PRO A 3 -65.50 40.67 -20.11
C PRO A 3 -65.69 39.35 -19.37
N MET A 4 -65.18 38.28 -19.96
CA MET A 4 -65.27 36.96 -19.34
C MET A 4 -64.07 36.12 -19.74
N PHE A 5 -63.51 35.41 -18.76
CA PHE A 5 -62.45 34.46 -19.00
C PHE A 5 -63.03 33.12 -19.46
N SER A 6 -62.19 32.36 -20.19
CA SER A 6 -62.61 31.06 -20.69
C SER A 6 -63.03 30.12 -19.56
N GLN A 7 -62.44 30.28 -18.38
CA GLN A 7 -62.78 29.48 -17.21
C GLN A 7 -62.41 30.29 -15.98
N ASP A 8 -62.85 29.81 -14.82
CA ASP A 8 -62.57 30.55 -13.60
C ASP A 8 -61.18 30.25 -13.04
N VAL A 9 -60.75 28.98 -13.06
CA VAL A 9 -59.53 28.57 -12.38
C VAL A 9 -58.63 27.82 -13.37
N PHE A 10 -57.44 28.37 -13.60
CA PHE A 10 -56.40 27.73 -14.39
C PHE A 10 -55.36 27.11 -13.46
N SER A 11 -54.75 26.01 -13.90
CA SER A 11 -53.71 25.32 -13.13
C SER A 11 -52.49 25.09 -14.01
N VAL A 12 -51.32 25.56 -13.55
CA VAL A 12 -50.05 25.33 -14.23
C VAL A 12 -49.03 24.87 -13.19
N THR A 13 -48.04 24.11 -13.67
CA THR A 13 -46.92 23.67 -12.84
C THR A 13 -45.62 24.24 -13.41
N LEU A 14 -44.71 24.62 -12.52
CA LEU A 14 -43.41 25.16 -12.91
C LEU A 14 -42.30 24.44 -12.14
N ARG A 15 -41.25 24.07 -12.86
CA ARG A 15 -40.04 23.59 -12.20
CA ARG A 15 -40.04 23.59 -12.20
C ARG A 15 -39.34 24.75 -11.50
N GLU A 16 -38.83 24.49 -10.30
CA GLU A 16 -38.25 25.57 -9.51
C GLU A 16 -37.01 26.20 -10.15
N ASP A 17 -36.46 25.59 -11.21
CA ASP A 17 -35.23 26.08 -11.81
C ASP A 17 -35.47 26.89 -13.08
N VAL A 18 -36.72 27.22 -13.41
CA VAL A 18 -36.96 27.98 -14.64
C VAL A 18 -36.37 29.38 -14.49
N PRO A 19 -35.75 29.94 -15.52
CA PRO A 19 -35.12 31.25 -15.39
C PRO A 19 -36.14 32.36 -15.36
N PRO A 20 -35.79 33.53 -14.84
CA PRO A 20 -36.71 34.67 -14.85
C PRO A 20 -37.13 35.01 -16.28
N GLY A 21 -38.37 35.48 -16.41
CA GLY A 21 -38.94 35.72 -17.72
C GLY A 21 -39.59 34.51 -18.36
N PHE A 22 -39.68 33.39 -17.63
CA PHE A 22 -40.30 32.20 -18.17
C PHE A 22 -41.79 32.44 -18.39
N SER A 23 -42.32 31.86 -19.47
CA SER A 23 -43.73 32.02 -19.81
C SER A 23 -44.59 31.11 -18.93
N VAL A 24 -45.44 31.72 -18.11
CA VAL A 24 -46.28 30.97 -17.19
C VAL A 24 -47.62 30.64 -17.85
N LEU A 25 -48.36 31.67 -18.23
CA LEU A 25 -49.68 31.53 -18.82
C LEU A 25 -50.16 32.90 -19.26
N GLN A 26 -50.96 32.93 -20.32
CA GLN A 26 -51.69 34.12 -20.73
C GLN A 26 -53.18 33.88 -20.53
N VAL A 27 -53.83 34.78 -19.83
CA VAL A 27 -55.28 34.74 -19.66
C VAL A 27 -55.89 35.92 -20.40
N THR A 28 -57.01 35.69 -21.08
CA THR A 28 -57.70 36.72 -21.83
C THR A 28 -59.18 36.67 -21.55
N ALA A 29 -59.79 37.85 -21.42
CA ALA A 29 -61.23 38.00 -21.29
C ALA A 29 -61.81 38.58 -22.58
N THR A 30 -63.11 38.39 -22.77
CA THR A 30 -63.78 38.71 -24.02
C THR A 30 -64.89 39.73 -23.81
N ASP A 31 -64.86 40.81 -24.60
CA ASP A 31 -65.91 41.83 -24.52
C ASP A 31 -67.23 41.36 -25.11
N GLN A 32 -67.20 40.35 -25.99
CA GLN A 32 -68.40 39.88 -26.68
C GLN A 32 -69.53 39.54 -25.72
N ALA A 38 -61.85 44.90 -27.87
CA ALA A 38 -61.88 45.91 -26.82
C ALA A 38 -60.53 46.05 -26.12
N GLU A 39 -60.37 47.13 -25.37
CA GLU A 39 -59.14 47.43 -24.64
C GLU A 39 -59.38 47.19 -23.15
N ILE A 40 -58.97 46.02 -22.67
CA ILE A 40 -59.22 45.59 -21.30
C ILE A 40 -57.91 45.62 -20.53
N THR A 41 -57.98 46.03 -19.26
CA THR A 41 -56.82 46.05 -18.38
C THR A 41 -56.86 44.86 -17.44
N TYR A 42 -55.69 44.31 -17.15
CA TYR A 42 -55.53 43.20 -16.21
C TYR A 42 -54.72 43.66 -15.00
N ALA A 43 -55.01 43.06 -13.85
CA ALA A 43 -54.31 43.39 -12.62
C ALA A 43 -54.52 42.29 -11.61
N PHE A 44 -53.49 42.03 -10.81
CA PHE A 44 -53.66 41.15 -9.66
C PHE A 44 -54.58 41.80 -8.64
N HIS A 45 -55.21 40.96 -7.82
CA HIS A 45 -56.00 41.47 -6.70
C HIS A 45 -56.10 40.38 -5.63
N ASN A 46 -55.97 40.79 -4.37
CA ASN A 46 -56.02 39.88 -3.23
C ASN A 46 -55.02 38.74 -3.39
N VAL A 47 -53.79 39.09 -3.74
CA VAL A 47 -52.71 38.12 -3.86
C VAL A 47 -51.72 38.36 -2.74
N ASP A 48 -50.93 37.31 -2.46
CA ASP A 48 -49.86 37.41 -1.49
C ASP A 48 -48.79 38.39 -1.99
N GLU A 49 -48.07 38.97 -1.04
CA GLU A 49 -47.02 39.93 -1.39
C GLU A 49 -45.98 39.31 -2.31
N GLN A 50 -45.66 38.03 -2.10
CA GLN A 50 -44.67 37.37 -2.93
C GLN A 50 -45.14 37.16 -4.36
N VAL A 51 -46.46 37.12 -4.60
CA VAL A 51 -46.96 37.08 -5.97
C VAL A 51 -46.51 38.31 -6.74
N GLU A 52 -46.73 39.49 -6.15
CA GLU A 52 -46.29 40.74 -6.77
C GLU A 52 -44.78 40.76 -6.99
N ARG A 53 -44.03 39.98 -6.20
CA ARG A 53 -42.58 40.02 -6.23
C ARG A 53 -41.97 38.94 -7.13
N ILE A 54 -42.76 37.97 -7.55
CA ILE A 54 -42.28 36.85 -8.36
C ILE A 54 -42.81 36.91 -9.78
N PHE A 55 -44.06 37.31 -9.96
CA PHE A 55 -44.72 37.26 -11.26
C PHE A 55 -44.98 38.67 -11.80
N ASN A 56 -44.96 38.78 -13.13
CA ASN A 56 -45.28 40.02 -13.82
C ASN A 56 -46.51 39.78 -14.70
N LEU A 57 -47.52 40.62 -14.54
CA LEU A 57 -48.75 40.53 -15.31
C LEU A 57 -48.83 41.72 -16.26
N ASP A 58 -48.83 41.44 -17.56
CA ASP A 58 -49.01 42.49 -18.55
C ASP A 58 -50.41 43.07 -18.43
N LYS A 59 -50.50 44.37 -18.12
CA LYS A 59 -51.79 44.99 -17.90
C LYS A 59 -52.64 44.99 -19.17
N ARG A 60 -52.01 45.01 -20.34
CA ARG A 60 -52.73 45.04 -21.60
C ARG A 60 -52.86 43.67 -22.25
N THR A 61 -51.81 42.85 -22.19
CA THR A 61 -51.83 41.55 -22.85
C THR A 61 -52.42 40.45 -21.99
N GLY A 62 -52.25 40.52 -20.69
CA GLY A 62 -52.65 39.43 -19.82
C GLY A 62 -51.69 38.26 -19.79
N GLU A 63 -50.52 38.39 -20.41
CA GLU A 63 -49.48 37.38 -20.27
C GLU A 63 -48.86 37.46 -18.89
N ILE A 64 -48.55 36.30 -18.32
CA ILE A 64 -47.96 36.19 -17.00
C ILE A 64 -46.61 35.50 -17.13
N THR A 65 -45.57 36.16 -16.64
CA THR A 65 -44.23 35.61 -16.65
C THR A 65 -43.61 35.78 -15.27
N THR A 66 -42.65 34.91 -14.95
CA THR A 66 -41.86 35.11 -13.75
C THR A 66 -40.90 36.28 -13.98
N LYS A 67 -40.58 36.99 -12.90
CA LYS A 67 -39.60 38.05 -12.97
C LYS A 67 -38.48 37.87 -11.93
N ASP A 68 -38.46 36.74 -11.24
CA ASP A 68 -37.41 36.43 -10.28
C ASP A 68 -37.27 34.91 -10.24
N ASN A 69 -36.30 34.44 -9.45
CA ASN A 69 -36.06 33.00 -9.39
C ASN A 69 -37.05 32.33 -8.44
N LEU A 70 -37.35 31.08 -8.74
CA LEU A 70 -38.20 30.28 -7.88
C LEU A 70 -37.36 29.50 -6.88
N ASP A 71 -38.04 28.86 -5.93
CA ASP A 71 -37.40 28.02 -4.92
C ASP A 71 -38.45 27.18 -4.21
N PHE A 72 -38.49 25.89 -4.54
CA PHE A 72 -39.48 24.99 -3.94
C PHE A 72 -39.34 24.93 -2.43
N GLU A 73 -38.11 25.08 -1.92
CA GLU A 73 -37.90 25.01 -0.48
C GLU A 73 -38.48 26.22 0.23
N THR A 74 -38.71 27.33 -0.48
CA THR A 74 -39.30 28.54 0.09
C THR A 74 -40.81 28.63 -0.14
N ALA A 75 -41.28 28.28 -1.33
CA ALA A 75 -42.71 28.30 -1.62
C ALA A 75 -43.03 27.20 -2.60
N LYS A 76 -43.98 26.34 -2.24
CA LYS A 76 -44.39 25.23 -3.10
C LYS A 76 -45.53 25.59 -4.04
N SER A 77 -46.22 26.71 -3.83
CA SER A 77 -47.36 27.05 -4.67
C SER A 77 -47.65 28.54 -4.57
N TYR A 78 -48.30 29.06 -5.62
CA TYR A 78 -48.73 30.45 -5.68
C TYR A 78 -50.16 30.51 -6.18
N THR A 79 -50.94 31.41 -5.57
CA THR A 79 -52.32 31.66 -5.95
C THR A 79 -52.40 33.05 -6.59
N LEU A 80 -52.78 33.10 -7.87
CA LEU A 80 -52.84 34.33 -8.63
C LEU A 80 -54.29 34.63 -8.99
N ASN A 81 -54.79 35.77 -8.53
CA ASN A 81 -56.11 36.25 -8.89
C ASN A 81 -55.94 37.43 -9.83
N VAL A 82 -56.55 37.35 -11.01
CA VAL A 82 -56.44 38.38 -12.03
C VAL A 82 -57.81 39.01 -12.23
N GLU A 83 -57.83 40.33 -12.34
CA GLU A 83 -59.05 41.10 -12.55
C GLU A 83 -58.98 41.75 -13.94
N ALA A 84 -59.99 41.49 -14.76
CA ALA A 84 -60.09 42.07 -16.10
C ALA A 84 -61.12 43.19 -16.09
N LYS A 85 -60.70 44.38 -16.54
CA LYS A 85 -61.56 45.57 -16.54
C LYS A 85 -61.62 46.16 -17.94
N ASP A 86 -62.82 46.19 -18.52
CA ASP A 86 -63.06 46.80 -19.81
C ASP A 86 -63.06 48.32 -19.64
N PRO A 87 -63.24 49.10 -20.72
CA PRO A 87 -63.37 50.54 -20.55
C PRO A 87 -64.52 50.94 -19.63
N GLY A 88 -65.58 50.13 -19.56
CA GLY A 88 -66.63 50.35 -18.59
C GLY A 88 -66.20 49.98 -17.19
N ASP A 89 -67.13 50.13 -16.25
CA ASP A 89 -66.83 49.89 -14.85
C ASP A 89 -66.83 48.40 -14.50
N LEU A 90 -67.59 47.59 -15.22
CA LEU A 90 -67.73 46.17 -14.90
C LEU A 90 -66.38 45.47 -15.02
N ALA A 91 -66.26 44.35 -14.28
CA ALA A 91 -65.02 43.59 -14.28
C ALA A 91 -65.34 42.12 -14.06
N SER A 92 -64.37 41.28 -14.43
CA SER A 92 -64.44 39.84 -14.23
C SER A 92 -63.11 39.35 -13.67
N HIS A 93 -63.16 38.21 -12.97
CA HIS A 93 -62.00 37.68 -12.27
C HIS A 93 -61.78 36.22 -12.65
N CYS A 94 -60.52 35.80 -12.56
CA CYS A 94 -60.17 34.39 -12.66
C CYS A 94 -58.95 34.15 -11.79
N SER A 95 -58.73 32.87 -11.45
CA SER A 95 -57.63 32.48 -10.59
C SER A 95 -56.72 31.49 -11.31
N ILE A 96 -55.43 31.55 -10.97
CA ILE A 96 -54.42 30.70 -11.57
C ILE A 96 -53.60 30.11 -10.43
N GLN A 97 -53.75 28.82 -10.19
CA GLN A 97 -53.04 28.14 -9.11
C GLN A 97 -51.75 27.55 -9.68
N VAL A 98 -50.62 28.11 -9.26
CA VAL A 98 -49.31 27.75 -9.78
C VAL A 98 -48.66 26.77 -8.83
N LYS A 99 -48.41 25.56 -9.32
CA LYS A 99 -47.77 24.51 -8.55
C LYS A 99 -46.28 24.48 -8.89
N ILE A 100 -45.44 24.40 -7.87
CA ILE A 100 -43.99 24.36 -8.06
C ILE A 100 -43.52 22.92 -7.91
N LEU A 101 -42.58 22.53 -8.76
CA LEU A 101 -42.03 21.18 -8.73
C LEU A 101 -40.65 21.18 -8.08
N ASP A 102 -40.41 20.19 -7.23
CA ASP A 102 -39.15 20.10 -6.52
C ASP A 102 -38.06 19.55 -7.42
N GLU A 103 -36.94 20.25 -7.49
CA GLU A 103 -35.73 19.78 -8.15
C GLU A 103 -34.65 19.50 -7.10
N ASN A 104 -33.71 18.65 -7.48
CA ASN A 104 -32.60 18.27 -6.61
C ASN A 104 -31.55 19.37 -6.68
N ASP A 105 -31.69 20.40 -5.85
CA ASP A 105 -30.74 21.49 -5.81
C ASP A 105 -30.18 21.76 -4.42
N CYS A 106 -30.40 20.86 -3.46
CA CYS A 106 -29.87 21.00 -2.11
C CYS A 106 -28.96 19.82 -1.81
N VAL A 107 -27.71 20.12 -1.46
CA VAL A 107 -26.70 19.08 -1.20
C VAL A 107 -27.01 18.41 0.14
N PRO A 108 -26.77 17.11 0.28
CA PRO A 108 -26.85 16.50 1.62
C PRO A 108 -25.72 17.01 2.51
N GLU A 109 -26.02 17.17 3.80
CA GLU A 109 -24.99 17.53 4.76
C GLU A 109 -24.88 16.45 5.83
N VAL A 110 -23.66 16.29 6.35
CA VAL A 110 -23.33 15.27 7.34
C VAL A 110 -22.98 15.96 8.64
N ILE A 111 -23.62 15.53 9.73
CA ILE A 111 -23.43 16.14 11.05
C ILE A 111 -22.81 15.07 11.95
N VAL A 112 -21.57 15.31 12.38
CA VAL A 112 -20.79 14.35 13.16
C VAL A 112 -20.65 14.90 14.57
N THR A 113 -21.04 14.10 15.57
CA THR A 113 -20.91 14.47 16.97
C THR A 113 -20.33 13.31 17.75
N SER A 114 -19.88 13.62 18.96
CA SER A 114 -19.39 12.63 19.93
C SER A 114 -18.31 11.74 19.33
N VAL A 115 -17.32 12.37 18.69
CA VAL A 115 -16.15 11.62 18.23
C VAL A 115 -15.31 11.21 19.43
N PHE A 116 -15.02 9.92 19.53
CA PHE A 116 -14.18 9.34 20.59
C PHE A 116 -12.75 9.84 20.40
N THR A 117 -12.35 10.86 21.14
CA THR A 117 -11.05 11.51 20.95
C THR A 117 -10.26 11.69 22.25
N PRO A 118 -9.13 10.99 22.38
CA PRO A 118 -8.60 9.98 21.46
C PRO A 118 -9.28 8.63 21.66
N LEU A 119 -9.01 7.69 20.75
CA LEU A 119 -9.65 6.39 20.75
C LEU A 119 -8.67 5.35 21.27
N PRO A 120 -8.89 4.77 22.46
CA PRO A 120 -7.95 3.79 23.01
C PRO A 120 -7.74 2.61 22.06
N GLU A 121 -6.47 2.21 21.93
CA GLU A 121 -6.12 1.13 21.01
C GLU A 121 -6.66 -0.23 21.44
N ASP A 122 -7.08 -0.37 22.70
CA ASP A 122 -7.65 -1.62 23.18
C ASP A 122 -9.18 -1.59 23.18
N SER A 123 -9.77 -0.63 22.48
CA SER A 123 -11.23 -0.54 22.37
C SER A 123 -11.79 -1.86 21.86
N PRO A 124 -12.83 -2.40 22.49
CA PRO A 124 -13.44 -3.64 22.00
C PRO A 124 -14.05 -3.44 20.61
N LEU A 125 -14.26 -4.57 19.93
CA LEU A 125 -15.03 -4.57 18.70
C LEU A 125 -16.42 -3.99 18.95
N GLY A 126 -16.85 -3.11 18.06
CA GLY A 126 -18.14 -2.48 18.20
C GLY A 126 -18.16 -1.22 19.04
N THR A 127 -17.00 -0.66 19.35
CA THR A 127 -16.96 0.60 20.10
C THR A 127 -17.48 1.74 19.23
N VAL A 128 -18.31 2.59 19.83
CA VAL A 128 -18.97 3.67 19.09
C VAL A 128 -18.01 4.85 19.00
N ILE A 129 -17.53 5.12 17.79
CA ILE A 129 -16.56 6.18 17.59
C ILE A 129 -17.23 7.54 17.43
N ALA A 130 -18.35 7.59 16.69
CA ALA A 130 -18.96 8.87 16.37
C ALA A 130 -20.42 8.64 16.04
N LEU A 131 -21.21 9.69 16.23
CA LEU A 131 -22.62 9.70 15.87
C LEU A 131 -22.81 10.56 14.62
N ILE A 132 -23.51 10.00 13.64
CA ILE A 132 -23.66 10.62 12.32
C ILE A 132 -25.14 10.90 12.09
N LYS A 133 -25.44 12.12 11.61
CA LYS A 133 -26.79 12.52 11.25
C LYS A 133 -26.74 13.21 9.89
N THR A 134 -27.76 12.96 9.06
CA THR A 134 -27.83 13.55 7.74
C THR A 134 -29.07 14.44 7.63
N ARG A 135 -28.91 15.57 6.94
CA ARG A 135 -30.01 16.43 6.57
C ARG A 135 -30.00 16.64 5.05
N ASP A 136 -31.18 16.91 4.49
CA ASP A 136 -31.29 17.25 3.07
C ASP A 136 -32.56 18.07 2.89
N ARG A 137 -32.40 19.31 2.44
CA ARG A 137 -33.52 20.25 2.40
C ARG A 137 -34.53 19.93 1.31
N ASP A 138 -34.20 19.03 0.37
CA ASP A 138 -35.12 18.64 -0.68
C ASP A 138 -36.17 17.67 -0.16
N SER A 139 -37.18 17.41 -1.00
CA SER A 139 -38.27 16.50 -0.69
C SER A 139 -38.09 15.19 -1.46
N GLY A 140 -38.82 14.17 -0.99
CA GLY A 140 -38.88 12.91 -1.70
C GLY A 140 -37.52 12.27 -1.89
N GLU A 141 -37.31 11.73 -3.09
CA GLU A 141 -36.06 11.04 -3.38
C GLU A 141 -34.87 12.00 -3.36
N ASN A 142 -35.10 13.25 -3.78
CA ASN A 142 -34.02 14.23 -3.76
C ASN A 142 -33.51 14.49 -2.35
N GLY A 143 -34.35 14.26 -1.34
CA GLY A 143 -33.95 14.39 0.05
C GLY A 143 -33.62 13.10 0.76
N ASP A 144 -33.68 11.96 0.08
CA ASP A 144 -33.38 10.67 0.67
C ASP A 144 -31.87 10.44 0.58
N VAL A 145 -31.20 10.45 1.74
CA VAL A 145 -29.75 10.38 1.81
C VAL A 145 -29.33 9.05 2.43
N TYR A 146 -28.21 8.51 1.95
CA TYR A 146 -27.61 7.33 2.54
C TYR A 146 -26.10 7.50 2.59
N CYS A 147 -25.49 6.93 3.63
CA CYS A 147 -24.08 7.10 3.92
C CYS A 147 -23.33 5.79 3.77
N HIS A 148 -22.03 5.91 3.53
CA HIS A 148 -21.11 4.78 3.57
C HIS A 148 -19.72 5.33 3.84
N VAL A 149 -18.83 4.44 4.27
CA VAL A 149 -17.46 4.80 4.62
C VAL A 149 -16.55 4.38 3.47
N LEU A 150 -15.60 5.25 3.13
CA LEU A 150 -14.60 4.88 2.14
C LEU A 150 -13.48 4.08 2.79
N GLY A 151 -12.93 3.13 2.02
CA GLY A 151 -11.82 2.32 2.49
C GLY A 151 -12.25 1.20 3.41
N ASN A 152 -11.27 0.38 3.77
CA ASN A 152 -11.47 -0.78 4.64
C ASN A 152 -10.39 -0.80 5.71
N GLU A 153 -10.40 0.22 6.56
CA GLU A 153 -9.44 0.34 7.65
C GLU A 153 -10.00 -0.12 8.99
N GLY A 154 -11.16 -0.77 8.97
CA GLY A 154 -11.75 -1.30 10.18
C GLY A 154 -12.82 -0.44 10.83
N PHE A 155 -13.62 0.27 10.04
CA PHE A 155 -14.68 1.11 10.59
C PHE A 155 -15.94 0.90 9.77
N VAL A 156 -17.06 0.69 10.45
CA VAL A 156 -18.32 0.31 9.82
C VAL A 156 -19.42 1.24 10.31
N LEU A 157 -20.35 1.59 9.41
CA LEU A 157 -21.51 2.40 9.75
C LEU A 157 -22.69 1.51 10.11
N LYS A 158 -23.24 1.70 11.31
CA LYS A 158 -24.43 1.00 11.74
C LYS A 158 -25.60 1.99 11.73
N SER A 159 -26.70 1.57 11.11
CA SER A 159 -27.88 2.43 10.97
C SER A 159 -28.87 2.09 12.08
N SER A 160 -28.98 2.97 13.07
CA SER A 160 -29.91 2.74 14.17
C SER A 160 -31.34 3.08 13.77
N SER A 161 -31.55 4.27 13.21
CA SER A 161 -32.83 4.65 12.63
C SER A 161 -32.54 5.52 11.41
N LYS A 162 -33.60 5.89 10.69
CA LYS A 162 -33.44 6.60 9.42
C LYS A 162 -32.76 7.94 9.64
N ASN A 163 -31.67 8.17 8.88
CA ASN A 163 -30.81 9.35 8.91
C ASN A 163 -29.89 9.40 10.11
N TYR A 164 -29.80 8.32 10.90
CA TYR A 164 -28.91 8.26 12.06
C TYR A 164 -27.99 7.06 11.96
N TYR A 165 -26.70 7.30 12.13
CA TYR A 165 -25.71 6.24 12.02
C TYR A 165 -24.77 6.28 13.23
N LYS A 166 -24.22 5.12 13.56
CA LYS A 166 -23.12 5.00 14.51
C LYS A 166 -21.92 4.46 13.75
N LEU A 167 -20.81 5.19 13.82
CA LEU A 167 -19.55 4.70 13.28
C LEU A 167 -18.87 3.83 14.34
N VAL A 168 -18.66 2.56 14.03
CA VAL A 168 -18.16 1.60 15.00
C VAL A 168 -16.93 0.90 14.45
N THR A 169 -16.09 0.43 15.37
CA THR A 169 -14.97 -0.43 15.03
C THR A 169 -15.46 -1.85 14.80
N ASP A 170 -14.86 -2.52 13.81
CA ASP A 170 -15.06 -3.96 13.62
C ASP A 170 -13.72 -4.67 13.51
N ARG A 171 -12.66 -4.08 14.06
CA ARG A 171 -11.30 -4.59 13.95
C ARG A 171 -10.53 -4.12 15.17
N THR A 172 -9.69 -4.99 15.71
CA THR A 172 -8.83 -4.60 16.83
C THR A 172 -7.82 -3.56 16.37
N LEU A 173 -7.62 -2.55 17.20
CA LEU A 173 -6.72 -1.46 16.87
C LEU A 173 -5.32 -1.74 17.43
N ASP A 174 -4.35 -0.95 16.97
CA ASP A 174 -2.97 -1.10 17.43
C ASP A 174 -2.25 0.21 17.14
N ARG A 175 -2.00 1.00 18.20
CA ARG A 175 -1.32 2.27 18.04
C ARG A 175 0.07 2.08 17.45
N GLU A 176 0.76 1.02 17.86
CA GLU A 176 2.12 0.79 17.37
C GLU A 176 2.18 0.55 15.87
N ALA A 177 1.07 0.13 15.26
CA ALA A 177 1.00 -0.07 13.82
C ALA A 177 0.41 1.13 13.08
N ILE A 178 -0.74 1.63 13.52
CA ILE A 178 -1.37 2.80 12.93
C ILE A 178 -1.82 3.76 14.02
N PRO A 179 -1.13 4.88 14.21
CA PRO A 179 -1.45 5.77 15.34
C PRO A 179 -2.55 6.79 15.03
N GLU A 180 -2.81 7.04 13.75
CA GLU A 180 -3.77 8.07 13.34
C GLU A 180 -4.60 7.57 12.16
N TYR A 181 -5.85 8.00 12.10
CA TYR A 181 -6.77 7.61 11.05
C TYR A 181 -7.51 8.81 10.48
N ASN A 182 -7.64 8.85 9.16
CA ASN A 182 -8.50 9.81 8.47
C ASN A 182 -9.65 9.02 7.84
N VAL A 183 -10.85 9.16 8.38
CA VAL A 183 -12.01 8.40 7.95
C VAL A 183 -12.95 9.34 7.22
N THR A 184 -13.18 9.05 5.94
CA THR A 184 -14.04 9.88 5.08
C THR A 184 -15.41 9.23 4.97
N ILE A 185 -16.44 9.94 5.43
CA ILE A 185 -17.82 9.49 5.34
C ILE A 185 -18.51 10.26 4.22
N VAL A 186 -19.09 9.55 3.26
CA VAL A 186 -19.71 10.15 2.08
C VAL A 186 -21.22 9.94 2.17
N ALA A 187 -21.98 11.01 1.89
CA ALA A 187 -23.43 10.96 1.90
C ALA A 187 -23.95 11.47 0.56
N ALA A 188 -24.90 10.74 -0.03
CA ALA A 188 -25.42 11.08 -1.34
C ALA A 188 -26.93 10.92 -1.37
N ASP A 189 -27.59 11.79 -2.12
CA ASP A 189 -29.04 11.70 -2.25
C ASP A 189 -29.41 10.83 -3.46
N ARG A 190 -30.67 10.43 -3.51
CA ARG A 190 -31.15 9.56 -4.58
C ARG A 190 -32.05 10.33 -5.55
N GLY A 191 -31.59 11.51 -5.97
CA GLY A 191 -32.26 12.28 -7.00
C GLY A 191 -31.57 12.12 -8.34
N LYS A 192 -32.12 12.82 -9.33
CA LYS A 192 -31.57 12.80 -10.68
C LYS A 192 -31.34 14.21 -11.20
N PRO A 193 -30.06 14.61 -11.30
CA PRO A 193 -28.89 13.81 -10.93
C PRO A 193 -28.62 13.83 -9.43
N PRO A 194 -27.89 12.84 -8.91
CA PRO A 194 -27.62 12.80 -7.47
C PRO A 194 -26.57 13.83 -7.06
N LEU A 195 -26.70 14.30 -5.82
CA LEU A 195 -25.74 15.18 -5.20
C LEU A 195 -25.14 14.49 -3.97
N SER A 196 -23.88 14.80 -3.67
CA SER A 196 -23.16 14.16 -2.57
C SER A 196 -22.24 15.15 -1.88
N SER A 197 -21.99 14.89 -0.60
CA SER A 197 -20.97 15.60 0.19
C SER A 197 -20.24 14.59 1.05
N ASN A 198 -19.18 15.04 1.71
CA ASN A 198 -18.39 14.15 2.56
C ASN A 198 -17.78 14.92 3.72
N VAL A 199 -17.41 14.16 4.76
CA VAL A 199 -16.71 14.71 5.93
C VAL A 199 -15.61 13.75 6.32
N ILE A 200 -14.47 14.30 6.72
CA ILE A 200 -13.30 13.52 7.11
C ILE A 200 -13.19 13.57 8.63
N ILE A 201 -13.27 12.41 9.27
CA ILE A 201 -13.11 12.28 10.71
C ILE A 201 -11.69 11.81 10.98
N THR A 202 -10.94 12.61 11.74
CA THR A 202 -9.58 12.25 12.14
C THR A 202 -9.62 11.55 13.48
N LEU A 203 -8.99 10.38 13.56
CA LEU A 203 -8.96 9.56 14.76
C LEU A 203 -7.54 9.50 15.31
N HIS A 204 -7.40 9.84 16.59
CA HIS A 204 -6.15 9.70 17.31
C HIS A 204 -6.23 8.46 18.19
N ILE A 205 -5.33 7.51 17.98
CA ILE A 205 -5.31 6.28 18.74
C ILE A 205 -4.37 6.48 19.94
N SER A 206 -4.92 6.37 21.14
CA SER A 206 -4.13 6.57 22.35
C SER A 206 -3.47 5.25 22.79
N ASP A 207 -2.41 5.39 23.57
CA ASP A 207 -1.54 4.26 23.89
C ASP A 207 -2.03 3.50 25.11
N VAL A 208 -1.82 2.18 25.08
CA VAL A 208 -2.03 1.28 26.21
C VAL A 208 -0.72 0.53 26.41
N ASN A 209 -0.42 0.15 27.65
CA ASN A 209 0.80 -0.59 27.96
C ASN A 209 0.57 -2.05 27.58
N ASP A 210 0.72 -2.35 26.29
CA ASP A 210 0.56 -3.72 25.80
C ASP A 210 1.84 -4.28 25.19
N ASN A 211 2.99 -3.67 25.48
CA ASN A 211 4.28 -4.14 24.97
C ASN A 211 5.26 -4.27 26.11
N ALA A 212 5.80 -5.47 26.29
CA ALA A 212 6.82 -5.69 27.30
C ALA A 212 8.18 -5.25 26.76
N PRO A 213 9.05 -4.70 27.60
CA PRO A 213 10.41 -4.40 27.16
C PRO A 213 11.10 -5.65 26.63
N VAL A 214 11.98 -5.44 25.65
CA VAL A 214 12.72 -6.53 25.01
C VAL A 214 14.20 -6.14 24.98
N PHE A 215 15.05 -7.02 25.52
CA PHE A 215 16.48 -6.73 25.55
C PHE A 215 17.09 -6.83 24.16
N HIS A 216 18.08 -5.98 23.91
CA HIS A 216 18.71 -5.92 22.59
C HIS A 216 19.45 -7.22 22.25
N GLN A 217 19.89 -7.97 23.27
CA GLN A 217 20.50 -9.27 23.09
C GLN A 217 19.74 -10.33 23.87
N ALA A 218 19.79 -11.58 23.37
CA ALA A 218 19.12 -12.68 24.06
C ALA A 218 19.81 -13.05 25.37
N SER A 219 21.13 -12.83 25.44
CA SER A 219 21.88 -13.02 26.67
C SER A 219 23.18 -12.24 26.54
N TYR A 220 23.90 -12.14 27.66
CA TYR A 220 25.09 -11.30 27.73
C TYR A 220 26.26 -12.11 28.26
N LEU A 221 27.35 -12.13 27.50
CA LEU A 221 28.62 -12.72 27.91
C LEU A 221 29.63 -11.59 28.03
N VAL A 222 30.12 -11.36 29.24
CA VAL A 222 30.97 -10.22 29.55
C VAL A 222 32.33 -10.71 30.01
N HIS A 223 33.39 -10.05 29.54
CA HIS A 223 34.76 -10.32 29.97
C HIS A 223 35.25 -9.15 30.80
N VAL A 224 35.82 -9.44 31.97
CA VAL A 224 36.37 -8.41 32.87
C VAL A 224 37.74 -8.86 33.34
N ALA A 225 38.76 -8.06 33.06
CA ALA A 225 40.11 -8.37 33.50
C ALA A 225 40.20 -8.29 35.02
N GLU A 226 40.84 -9.29 35.60
CA GLU A 226 41.13 -9.33 37.03
C GLU A 226 41.76 -8.03 37.51
N ASN A 227 41.60 -7.77 38.81
CA ASN A 227 42.21 -6.64 39.51
C ASN A 227 41.70 -5.30 39.02
N ASN A 228 40.53 -5.32 38.38
CA ASN A 228 39.82 -4.10 38.01
C ASN A 228 39.61 -3.21 39.24
N PRO A 229 39.61 -1.89 39.06
CA PRO A 229 39.21 -1.02 40.15
C PRO A 229 37.77 -1.29 40.52
N PRO A 230 37.41 -1.11 41.79
CA PRO A 230 35.98 -1.14 42.14
C PRO A 230 35.28 0.04 41.48
N GLY A 231 34.01 -0.17 41.15
CA GLY A 231 33.27 0.84 40.41
C GLY A 231 33.58 0.92 38.94
N THR A 232 34.09 -0.16 38.34
CA THR A 232 34.43 -0.19 36.92
C THR A 232 33.23 -0.66 36.12
N SER A 233 32.79 0.17 35.18
CA SER A 233 31.70 -0.20 34.28
C SER A 233 32.16 -1.33 33.37
N ILE A 234 31.50 -2.49 33.47
CA ILE A 234 31.92 -3.67 32.73
C ILE A 234 30.99 -4.03 31.56
N ALA A 235 29.76 -3.52 31.53
CA ALA A 235 28.82 -3.81 30.45
C ALA A 235 27.63 -2.86 30.57
N GLN A 236 26.82 -2.84 29.51
CA GLN A 236 25.61 -2.02 29.48
C GLN A 236 24.49 -2.80 28.78
N VAL A 237 23.48 -3.19 29.54
CA VAL A 237 22.29 -3.81 28.97
C VAL A 237 21.36 -2.72 28.46
N SER A 238 20.56 -3.06 27.45
CA SER A 238 19.60 -2.12 26.87
C SER A 238 18.38 -2.90 26.40
N ALA A 239 17.21 -2.40 26.75
CA ALA A 239 15.95 -2.96 26.26
C ALA A 239 15.12 -1.85 25.62
N SER A 240 14.28 -2.23 24.66
CA SER A 240 13.41 -1.30 23.96
C SER A 240 11.95 -1.60 24.28
N ASP A 241 11.11 -0.58 24.10
CA ASP A 241 9.69 -0.66 24.42
C ASP A 241 8.93 0.35 23.57
N PRO A 242 8.10 -0.11 22.62
CA PRO A 242 7.48 0.84 21.67
C PRO A 242 6.34 1.65 22.26
N ASP A 243 5.91 1.36 23.48
CA ASP A 243 4.81 2.10 24.09
C ASP A 243 5.25 3.54 24.41
N LEU A 244 4.27 4.36 24.80
CA LEU A 244 4.49 5.79 24.96
C LEU A 244 4.64 6.19 26.43
N GLY A 245 5.47 7.21 26.66
CA GLY A 245 5.58 7.82 27.98
C GLY A 245 5.95 6.81 29.05
N SER A 246 5.16 6.81 30.12
CA SER A 246 5.41 5.91 31.24
C SER A 246 5.35 4.45 30.83
N ASN A 247 4.55 4.12 29.81
CA ASN A 247 4.46 2.74 29.36
C ASN A 247 5.72 2.27 28.64
N GLY A 248 6.61 3.19 28.25
CA GLY A 248 7.82 2.82 27.57
C GLY A 248 9.08 3.24 28.28
N LEU A 249 8.95 3.67 29.54
CA LEU A 249 10.09 4.07 30.36
C LEU A 249 10.64 2.83 31.06
N ILE A 250 11.93 2.55 30.84
CA ILE A 250 12.55 1.30 31.29
C ILE A 250 13.36 1.53 32.55
N SER A 251 13.27 0.60 33.49
CA SER A 251 14.16 0.53 34.64
C SER A 251 14.83 -0.85 34.66
N TYR A 252 16.14 -0.86 34.85
CA TYR A 252 16.92 -2.10 34.93
C TYR A 252 17.26 -2.43 36.37
N SER A 253 17.33 -3.73 36.66
CA SER A 253 17.66 -4.20 38.00
C SER A 253 18.29 -5.59 37.89
N ILE A 254 18.85 -6.05 39.01
CA ILE A 254 19.43 -7.38 39.13
C ILE A 254 18.56 -8.18 40.08
N ILE A 255 18.08 -9.33 39.62
CA ILE A 255 17.13 -10.11 40.40
C ILE A 255 17.65 -11.47 40.84
N ALA A 256 18.68 -12.02 40.20
CA ALA A 256 19.17 -13.34 40.59
C ALA A 256 20.63 -13.48 40.18
N SER A 257 21.30 -14.45 40.80
CA SER A 257 22.72 -14.68 40.62
C SER A 257 23.12 -15.97 41.33
N ASP A 258 24.08 -16.68 40.77
CA ASP A 258 24.59 -17.88 41.41
C ASP A 258 25.54 -17.59 42.57
N LEU A 259 25.77 -16.31 42.89
CA LEU A 259 26.54 -15.94 44.05
C LEU A 259 25.71 -16.08 45.32
N GLU A 260 26.35 -15.85 46.47
CA GLU A 260 25.63 -15.75 47.72
C GLU A 260 24.72 -14.53 47.67
N PRO A 261 23.43 -14.66 48.00
CA PRO A 261 22.53 -13.50 47.89
C PRO A 261 22.93 -12.32 48.76
N ARG A 262 23.55 -12.59 49.91
CA ARG A 262 23.98 -11.50 50.79
C ARG A 262 25.22 -10.81 50.28
N ALA A 263 25.93 -11.39 49.33
CA ALA A 263 27.14 -10.80 48.77
C ALA A 263 26.98 -10.35 47.33
N LEU A 264 25.77 -10.46 46.76
CA LEU A 264 25.57 -10.07 45.36
C LEU A 264 25.89 -8.60 45.15
N SER A 265 25.38 -7.73 46.04
CA SER A 265 25.64 -6.30 45.92
C SER A 265 27.13 -6.01 45.99
N SER A 266 27.90 -6.86 46.67
CA SER A 266 29.34 -6.66 46.80
C SER A 266 30.09 -6.98 45.51
N PHE A 267 29.45 -7.58 44.51
CA PHE A 267 30.10 -7.94 43.26
C PHE A 267 29.72 -7.00 42.12
N VAL A 268 28.42 -6.92 41.83
CA VAL A 268 27.94 -6.18 40.67
C VAL A 268 26.66 -5.44 41.01
N SER A 269 26.42 -4.34 40.30
CA SER A 269 25.17 -3.61 40.35
C SER A 269 24.87 -3.10 38.95
N VAL A 270 23.65 -2.61 38.76
CA VAL A 270 23.27 -2.00 37.49
C VAL A 270 22.60 -0.67 37.79
N ASN A 271 22.93 0.35 37.00
CA ASN A 271 22.25 1.62 37.12
C ASN A 271 20.84 1.50 36.54
N GLN A 272 19.84 1.89 37.33
CA GLN A 272 18.46 1.59 36.98
C GLN A 272 17.97 2.35 35.74
N ASP A 273 18.61 3.46 35.38
CA ASP A 273 18.17 4.23 34.22
C ASP A 273 19.03 4.00 32.99
N SER A 274 20.34 3.81 33.16
CA SER A 274 21.24 3.66 32.03
C SER A 274 21.49 2.21 31.64
N GLY A 275 21.28 1.26 32.55
CA GLY A 275 21.60 -0.12 32.29
C GLY A 275 23.08 -0.45 32.36
N VAL A 276 23.93 0.51 32.71
CA VAL A 276 25.34 0.22 32.90
C VAL A 276 25.51 -0.72 34.07
N VAL A 277 26.32 -1.76 33.87
CA VAL A 277 26.61 -2.75 34.91
C VAL A 277 28.00 -2.47 35.46
N PHE A 278 28.11 -2.25 36.77
CA PHE A 278 29.37 -1.94 37.43
C PHE A 278 29.88 -3.15 38.20
N ALA A 279 31.18 -3.34 38.18
CA ALA A 279 31.84 -4.26 39.10
C ALA A 279 32.07 -3.53 40.42
N GLN A 280 31.51 -4.07 41.51
CA GLN A 280 31.57 -3.40 42.81
C GLN A 280 32.83 -3.74 43.59
N ARG A 281 33.66 -4.64 43.09
CA ARG A 281 34.88 -5.03 43.79
C ARG A 281 35.94 -5.42 42.77
N ALA A 282 37.18 -5.48 43.22
CA ALA A 282 38.26 -6.00 42.40
C ALA A 282 38.14 -7.52 42.30
N PHE A 283 37.93 -8.02 41.08
CA PHE A 283 37.82 -9.45 40.89
C PHE A 283 39.20 -10.11 40.97
N ASP A 284 39.22 -11.35 41.46
CA ASP A 284 40.45 -12.14 41.61
C ASP A 284 40.22 -13.46 40.89
N HIS A 285 40.85 -13.61 39.72
CA HIS A 285 40.64 -14.80 38.89
C HIS A 285 40.99 -16.07 39.65
N GLU A 286 41.92 -16.00 40.60
CA GLU A 286 42.34 -17.18 41.34
C GLU A 286 41.27 -17.63 42.36
N GLN A 287 40.38 -16.74 42.77
CA GLN A 287 39.26 -17.10 43.66
CA GLN A 287 39.28 -17.13 43.66
C GLN A 287 38.04 -17.54 42.87
N LEU A 288 37.67 -16.78 41.85
CA LEU A 288 36.46 -17.06 41.08
C LEU A 288 36.68 -16.72 39.62
N ARG A 289 36.45 -17.69 38.74
CA ARG A 289 36.66 -17.50 37.31
C ARG A 289 35.44 -16.97 36.60
N SER A 290 34.24 -17.19 37.14
CA SER A 290 33.02 -16.85 36.41
C SER A 290 31.84 -16.83 37.39
N PHE A 291 30.86 -16.00 37.08
CA PHE A 291 29.60 -16.01 37.82
C PHE A 291 28.45 -15.61 36.90
N GLN A 292 27.25 -16.04 37.27
CA GLN A 292 26.06 -15.83 36.47
C GLN A 292 25.13 -14.82 37.13
N LEU A 293 24.35 -14.15 36.29
CA LEU A 293 23.58 -12.99 36.69
C LEU A 293 22.31 -12.93 35.86
N THR A 294 21.18 -12.58 36.48
CA THR A 294 19.92 -12.40 35.78
C THR A 294 19.43 -10.98 36.01
N LEU A 295 19.36 -10.19 34.94
CA LEU A 295 18.88 -8.83 34.99
C LEU A 295 17.45 -8.76 34.47
N GLN A 296 16.74 -7.69 34.83
CA GLN A 296 15.36 -7.50 34.46
C GLN A 296 15.14 -6.07 33.95
N ALA A 297 14.42 -5.95 32.84
CA ALA A 297 13.95 -4.67 32.33
C ALA A 297 12.46 -4.56 32.59
N ARG A 298 12.04 -3.44 33.16
CA ARG A 298 10.67 -3.24 33.61
C ARG A 298 10.17 -1.89 33.11
N ASP A 299 8.96 -1.85 32.57
CA ASP A 299 8.39 -0.56 32.21
C ASP A 299 7.61 0.02 33.37
N HIS A 300 7.17 1.27 33.22
CA HIS A 300 6.45 1.99 34.26
C HIS A 300 4.97 2.19 33.89
N GLY A 301 4.35 1.15 33.33
CA GLY A 301 2.93 1.18 33.02
C GLY A 301 2.09 0.51 34.10
N SER A 302 0.78 0.57 33.90
CA SER A 302 -0.16 -0.07 34.81
C SER A 302 -1.08 -1.03 34.06
N PRO A 303 -0.86 -2.35 34.23
CA PRO A 303 0.21 -2.89 35.08
C PRO A 303 1.56 -2.89 34.36
N THR A 304 2.64 -3.14 35.09
CA THR A 304 3.97 -3.13 34.51
C THR A 304 4.21 -4.39 33.69
N LEU A 305 5.09 -4.26 32.69
CA LEU A 305 5.57 -5.38 31.90
C LEU A 305 7.08 -5.45 32.03
N SER A 306 7.63 -6.65 31.84
CA SER A 306 9.03 -6.87 32.14
C SER A 306 9.59 -7.99 31.28
N ALA A 307 10.92 -8.00 31.17
CA ALA A 307 11.65 -9.11 30.58
C ALA A 307 12.88 -9.41 31.43
N ASN A 308 13.36 -10.65 31.29
CA ASN A 308 14.52 -11.15 32.01
C ASN A 308 15.58 -11.60 31.03
N VAL A 309 16.84 -11.32 31.34
CA VAL A 309 17.95 -11.69 30.48
C VAL A 309 19.07 -12.24 31.35
N SER A 310 19.79 -13.22 30.83
CA SER A 310 20.90 -13.84 31.54
C SER A 310 22.22 -13.18 31.13
N MET A 311 23.04 -12.87 32.12
CA MET A 311 24.39 -12.37 31.88
C MET A 311 25.40 -13.28 32.56
N ARG A 312 26.44 -13.67 31.83
CA ARG A 312 27.56 -14.39 32.39
C ARG A 312 28.80 -13.51 32.33
N VAL A 313 29.53 -13.45 33.44
CA VAL A 313 30.72 -12.61 33.56
C VAL A 313 31.92 -13.52 33.72
N LEU A 314 32.88 -13.40 32.80
CA LEU A 314 34.10 -14.19 32.82
C LEU A 314 35.24 -13.32 33.36
N VAL A 315 35.78 -13.72 34.50
CA VAL A 315 36.89 -13.01 35.13
C VAL A 315 38.18 -13.41 34.42
N GLY A 316 38.87 -12.44 33.83
CA GLY A 316 40.04 -12.73 33.02
C GLY A 316 41.30 -12.85 33.86
N ASP A 317 42.15 -13.81 33.49
CA ASP A 317 43.38 -14.05 34.21
C ASP A 317 44.44 -13.04 33.80
N ARG A 318 45.07 -12.41 34.78
CA ARG A 318 46.27 -11.61 34.58
C ARG A 318 47.46 -12.27 35.25
N ASN A 319 48.65 -11.82 34.89
CA ASN A 319 49.89 -12.38 35.46
C ASN A 319 50.27 -11.60 36.71
N ASP A 320 49.47 -11.79 37.76
CA ASP A 320 49.72 -11.13 39.04
C ASP A 320 50.36 -12.07 40.06
N ASN A 321 50.86 -13.23 39.64
CA ASN A 321 51.57 -14.14 40.53
C ASN A 321 52.88 -14.53 39.86
N ALA A 322 53.98 -14.31 40.57
CA ALA A 322 55.28 -14.78 40.10
C ALA A 322 55.46 -16.24 40.45
N PRO A 323 56.15 -17.01 39.60
CA PRO A 323 56.46 -18.39 39.98
C PRO A 323 57.30 -18.44 41.24
N ARG A 324 57.16 -19.54 41.99
CA ARG A 324 57.93 -19.73 43.21
C ARG A 324 58.53 -21.13 43.21
N VAL A 325 59.77 -21.22 43.70
CA VAL A 325 60.50 -22.49 43.73
C VAL A 325 60.11 -23.25 44.98
N LEU A 326 59.72 -24.51 44.81
CA LEU A 326 59.39 -25.39 45.93
C LEU A 326 60.48 -26.41 46.22
N TYR A 327 61.28 -26.77 45.23
CA TYR A 327 62.40 -27.69 45.41
C TYR A 327 63.49 -27.33 44.40
N PRO A 328 64.76 -27.36 44.82
CA PRO A 328 65.22 -27.71 46.16
C PRO A 328 64.96 -26.60 47.17
N THR A 329 65.05 -26.91 48.46
CA THR A 329 65.01 -25.88 49.48
C THR A 329 66.20 -24.96 49.30
N LEU A 330 65.95 -23.65 49.33
CA LEU A 330 67.00 -22.67 49.12
C LEU A 330 67.44 -22.07 50.45
N GLU A 331 68.73 -21.73 50.53
CA GLU A 331 69.26 -21.02 51.67
C GLU A 331 68.79 -19.56 51.60
N PRO A 332 68.98 -18.78 52.67
CA PRO A 332 68.62 -17.36 52.59
C PRO A 332 69.25 -16.63 51.42
N ASP A 333 70.44 -17.04 50.98
CA ASP A 333 71.08 -16.43 49.82
C ASP A 333 70.55 -16.99 48.50
N GLY A 334 69.54 -17.87 48.54
CA GLY A 334 68.97 -18.43 47.33
C GLY A 334 69.79 -19.52 46.68
N SER A 335 70.59 -20.25 47.46
CA SER A 335 71.47 -21.28 46.93
C SER A 335 71.12 -22.64 47.50
N ALA A 336 71.50 -23.69 46.77
CA ALA A 336 71.34 -25.06 47.21
C ALA A 336 72.60 -25.84 46.85
N LEU A 337 72.94 -26.82 47.69
CA LEU A 337 74.21 -27.53 47.58
C LEU A 337 73.97 -28.98 47.22
N PHE A 338 74.64 -29.45 46.16
CA PHE A 338 74.62 -30.85 45.75
C PHE A 338 76.08 -31.26 45.54
N ASP A 339 76.66 -31.93 46.55
CA ASP A 339 78.10 -32.18 46.56
C ASP A 339 78.47 -33.65 46.37
N MET A 340 77.51 -34.53 46.10
CA MET A 340 77.81 -35.95 45.96
C MET A 340 77.74 -36.43 44.50
N VAL A 341 77.93 -35.54 43.54
CA VAL A 341 77.85 -35.90 42.12
C VAL A 341 79.06 -36.74 41.74
N PRO A 342 78.87 -37.98 41.30
CA PRO A 342 80.03 -38.82 40.96
C PRO A 342 80.68 -38.37 39.66
N ARG A 343 82.00 -38.47 39.61
CA ARG A 343 82.71 -38.03 38.42
C ARG A 343 82.51 -38.97 37.25
N ALA A 344 82.32 -40.25 37.52
CA ALA A 344 82.04 -41.24 36.48
C ALA A 344 80.60 -41.17 35.96
N ALA A 345 79.84 -40.10 36.23
CA ALA A 345 78.46 -40.02 35.77
C ALA A 345 78.40 -39.98 34.25
N GLU A 346 77.54 -40.83 33.69
CA GLU A 346 77.29 -40.84 32.26
C GLU A 346 76.35 -39.69 31.89
N PRO A 347 76.47 -39.16 30.67
CA PRO A 347 75.57 -38.08 30.24
C PRO A 347 74.11 -38.45 30.45
N GLY A 348 73.34 -37.50 30.94
CA GLY A 348 71.96 -37.73 31.31
C GLY A 348 71.73 -37.94 32.79
N TYR A 349 72.81 -38.09 33.58
CA TYR A 349 72.70 -38.22 35.02
C TYR A 349 71.93 -37.06 35.61
N LEU A 350 70.86 -37.37 36.35
CA LEU A 350 69.99 -36.34 36.91
C LEU A 350 70.60 -35.81 38.22
N VAL A 351 71.17 -34.60 38.16
CA VAL A 351 71.75 -34.01 39.37
C VAL A 351 70.65 -33.58 40.33
N THR A 352 69.69 -32.81 39.84
CA THR A 352 68.53 -32.42 40.61
C THR A 352 67.47 -31.90 39.65
N LYS A 353 66.31 -31.55 40.19
CA LYS A 353 65.18 -31.09 39.40
C LYS A 353 64.57 -29.90 40.11
N VAL A 354 64.59 -28.75 39.45
CA VAL A 354 63.87 -27.59 39.97
C VAL A 354 62.38 -27.85 39.86
N VAL A 355 61.65 -27.68 40.95
CA VAL A 355 60.21 -27.86 40.98
C VAL A 355 59.58 -26.52 41.37
N ALA A 356 58.87 -25.90 40.43
CA ALA A 356 58.23 -24.61 40.67
C ALA A 356 56.75 -24.69 40.32
N VAL A 357 55.97 -23.78 40.91
CA VAL A 357 54.55 -23.66 40.66
C VAL A 357 54.22 -22.19 40.37
N ASP A 358 52.99 -21.96 39.92
CA ASP A 358 52.54 -20.63 39.54
C ASP A 358 51.02 -20.58 39.71
N ALA A 359 50.54 -19.61 40.50
CA ALA A 359 49.13 -19.54 40.86
C ALA A 359 48.22 -19.14 39.70
N ASP A 360 48.79 -18.65 38.60
CA ASP A 360 47.96 -18.14 37.51
C ASP A 360 47.47 -19.27 36.60
N SER A 361 47.00 -18.92 35.41
CA SER A 361 46.47 -19.90 34.46
C SER A 361 47.04 -19.64 33.07
N GLY A 362 46.88 -20.63 32.20
CA GLY A 362 47.32 -20.49 30.82
C GLY A 362 48.78 -20.14 30.71
N HIS A 363 49.10 -19.25 29.76
CA HIS A 363 50.49 -18.84 29.57
C HIS A 363 51.03 -18.11 30.79
N ASN A 364 50.17 -17.47 31.57
CA ASN A 364 50.63 -16.78 32.77
C ASN A 364 51.23 -17.76 33.79
N ALA A 365 50.96 -19.07 33.64
CA ALA A 365 51.53 -20.06 34.55
C ALA A 365 52.27 -21.17 33.80
N TRP A 366 52.63 -20.96 32.54
CA TRP A 366 53.39 -21.93 31.77
C TRP A 366 54.87 -21.69 32.02
N LEU A 367 55.51 -22.56 32.80
CA LEU A 367 56.85 -22.30 33.29
C LEU A 367 57.91 -22.83 32.33
N SER A 368 58.99 -22.07 32.23
CA SER A 368 60.14 -22.46 31.43
C SER A 368 61.40 -22.14 32.24
N TYR A 369 62.42 -22.99 32.11
CA TYR A 369 63.59 -22.96 32.96
C TYR A 369 64.82 -22.60 32.13
N HIS A 370 65.60 -21.64 32.62
CA HIS A 370 66.72 -21.10 31.86
C HIS A 370 67.96 -20.99 32.74
N VAL A 371 69.12 -21.26 32.13
CA VAL A 371 70.41 -21.03 32.77
C VAL A 371 70.82 -19.59 32.52
N LEU A 372 70.98 -18.81 33.60
CA LEU A 372 71.47 -17.45 33.44
C LEU A 372 73.00 -17.40 33.48
N GLN A 373 73.61 -18.15 34.40
CA GLN A 373 75.06 -18.20 34.54
C GLN A 373 75.49 -19.64 34.74
N ALA A 374 76.63 -20.00 34.17
CA ALA A 374 77.19 -21.33 34.32
C ALA A 374 78.71 -21.23 34.41
N SER A 375 79.30 -21.91 35.39
CA SER A 375 80.76 -21.91 35.49
C SER A 375 81.40 -22.67 34.34
N ASP A 376 80.66 -23.56 33.68
CA ASP A 376 81.14 -24.24 32.48
C ASP A 376 79.93 -24.53 31.61
N PRO A 377 79.63 -23.65 30.65
CA PRO A 377 78.46 -23.88 29.80
C PRO A 377 78.59 -25.15 28.99
N GLY A 378 77.54 -25.95 29.00
CA GLY A 378 77.50 -27.20 28.26
C GLY A 378 77.84 -28.43 29.09
N LEU A 379 78.45 -28.25 30.26
CA LEU A 379 78.65 -29.38 31.15
C LEU A 379 77.32 -29.91 31.67
N PHE A 380 76.43 -29.00 32.08
CA PHE A 380 75.10 -29.35 32.54
C PHE A 380 74.05 -28.81 31.57
N SER A 381 72.97 -29.56 31.42
CA SER A 381 71.81 -29.13 30.66
C SER A 381 70.64 -28.90 31.61
N LEU A 382 69.72 -28.04 31.18
CA LEU A 382 68.56 -27.66 31.98
C LEU A 382 67.31 -27.78 31.12
N GLY A 383 66.43 -28.73 31.48
CA GLY A 383 65.21 -28.95 30.73
C GLY A 383 64.33 -27.73 30.65
N LEU A 384 64.10 -27.25 29.41
CA LEU A 384 63.35 -26.02 29.21
C LEU A 384 62.00 -26.06 29.93
N ARG A 385 61.29 -27.19 29.83
CA ARG A 385 59.99 -27.33 30.47
C ARG A 385 60.03 -28.22 31.70
N THR A 386 61.06 -29.04 31.88
CA THR A 386 61.10 -29.97 32.99
C THR A 386 61.84 -29.43 34.21
N GLY A 387 62.80 -28.53 34.02
CA GLY A 387 63.60 -28.10 35.14
C GLY A 387 64.52 -29.19 35.66
N GLU A 388 64.78 -30.21 34.85
CA GLU A 388 65.72 -31.26 35.23
C GLU A 388 67.13 -30.82 34.91
N VAL A 389 68.02 -30.92 35.90
CA VAL A 389 69.41 -30.56 35.75
C VAL A 389 70.20 -31.85 35.53
N ARG A 390 70.71 -32.03 34.31
CA ARG A 390 71.44 -33.24 33.95
C ARG A 390 72.84 -32.89 33.49
N THR A 391 73.76 -33.86 33.62
CA THR A 391 75.04 -33.73 32.94
C THR A 391 74.83 -33.91 31.44
N ALA A 392 75.52 -33.10 30.66
CA ALA A 392 75.40 -33.17 29.21
C ALA A 392 76.59 -33.81 28.52
N ARG A 393 77.71 -33.96 29.22
CA ARG A 393 78.89 -34.57 28.64
C ARG A 393 79.69 -35.23 29.76
N ALA A 394 80.51 -36.21 29.37
CA ALA A 394 81.39 -36.85 30.35
C ALA A 394 82.31 -35.81 30.96
N LEU A 395 82.50 -35.90 32.27
CA LEU A 395 83.35 -34.94 32.97
C LEU A 395 84.79 -35.09 32.50
N GLY A 396 85.41 -33.95 32.16
CA GLY A 396 86.78 -33.95 31.69
C GLY A 396 87.80 -33.74 32.80
N ASP A 397 89.05 -34.04 32.47
CA ASP A 397 90.12 -33.91 33.47
C ASP A 397 90.40 -32.46 33.84
N ARG A 398 90.13 -31.53 32.94
CA ARG A 398 90.37 -30.11 33.18
C ARG A 398 89.13 -29.38 33.67
N ASP A 399 88.10 -30.10 34.09
CA ASP A 399 86.87 -29.48 34.58
C ASP A 399 86.94 -29.34 36.09
N SER A 400 86.55 -28.17 36.60
CA SER A 400 86.62 -27.89 38.02
C SER A 400 85.68 -28.80 38.80
N ALA A 401 86.10 -29.20 40.00
CA ALA A 401 85.24 -30.04 40.85
C ALA A 401 84.01 -29.27 41.30
N ARG A 402 84.17 -27.99 41.66
CA ARG A 402 83.06 -27.16 42.08
C ARG A 402 82.45 -26.46 40.88
N GLN A 403 81.13 -26.58 40.73
CA GLN A 403 80.40 -25.96 39.64
C GLN A 403 79.24 -25.15 40.19
N ARG A 404 78.83 -24.13 39.45
CA ARG A 404 77.78 -23.23 39.90
C ARG A 404 76.87 -22.86 38.74
N LEU A 405 75.57 -23.02 38.94
CA LEU A 405 74.55 -22.64 37.97
C LEU A 405 73.59 -21.64 38.60
N LEU A 406 73.28 -20.57 37.88
CA LEU A 406 72.24 -19.62 38.27
C LEU A 406 71.08 -19.80 37.31
N VAL A 407 69.98 -20.36 37.81
CA VAL A 407 68.85 -20.74 36.97
C VAL A 407 67.66 -19.84 37.25
N ALA A 408 66.84 -19.65 36.22
CA ALA A 408 65.64 -18.83 36.30
C ALA A 408 64.45 -19.62 35.81
N VAL A 409 63.39 -19.65 36.61
CA VAL A 409 62.11 -20.22 36.19
C VAL A 409 61.18 -19.05 35.87
N ARG A 410 60.73 -18.98 34.62
CA ARG A 410 59.92 -17.88 34.11
C ARG A 410 58.55 -18.39 33.68
N ASP A 411 57.54 -17.53 33.80
CA ASP A 411 56.25 -17.87 33.22
C ASP A 411 56.17 -17.32 31.81
N GLY A 412 55.05 -17.55 31.14
CA GLY A 412 54.90 -17.13 29.76
C GLY A 412 54.10 -15.86 29.62
N GLY A 413 53.95 -15.11 30.71
CA GLY A 413 53.22 -13.87 30.69
C GLY A 413 54.00 -12.74 30.03
N GLN A 414 53.33 -11.60 29.92
CA GLN A 414 53.91 -10.41 29.33
C GLN A 414 53.55 -9.20 30.18
N PRO A 415 54.55 -8.65 30.90
CA PRO A 415 55.93 -9.12 30.95
C PRO A 415 56.10 -10.37 31.82
N PRO A 416 57.14 -11.15 31.58
CA PRO A 416 57.34 -12.41 32.31
C PRO A 416 57.84 -12.18 33.72
N LEU A 417 57.16 -12.79 34.71
CA LEU A 417 57.67 -12.86 36.07
C LEU A 417 58.51 -14.11 36.23
N SER A 418 59.45 -14.07 37.19
CA SER A 418 60.40 -15.17 37.33
C SER A 418 60.83 -15.33 38.78
N ALA A 419 61.42 -16.49 39.04
CA ALA A 419 62.14 -16.77 40.28
C ALA A 419 63.49 -17.35 39.91
N THR A 420 64.47 -17.20 40.81
CA THR A 420 65.83 -17.64 40.56
C THR A 420 66.32 -18.52 41.69
N ALA A 421 67.33 -19.35 41.37
CA ALA A 421 67.98 -20.19 42.37
C ALA A 421 69.41 -20.45 41.93
N THR A 422 70.33 -20.46 42.88
CA THR A 422 71.73 -20.79 42.62
C THR A 422 71.99 -22.23 43.04
N LEU A 423 72.52 -23.02 42.12
CA LEU A 423 72.76 -24.45 42.35
C LEU A 423 74.26 -24.66 42.37
N HIS A 424 74.79 -24.95 43.55
CA HIS A 424 76.19 -25.34 43.70
C HIS A 424 76.28 -26.84 43.47
N LEU A 425 76.90 -27.24 42.36
CA LEU A 425 77.08 -28.64 42.01
C LEU A 425 78.56 -28.98 42.17
N ILE A 426 78.86 -29.91 43.06
CA ILE A 426 80.24 -30.23 43.44
C ILE A 426 80.47 -31.71 43.18
N PHE A 427 81.41 -32.01 42.28
CA PHE A 427 81.74 -33.39 41.96
C PHE A 427 82.55 -34.03 43.07
N ALA A 428 82.20 -35.26 43.42
CA ALA A 428 82.92 -36.01 44.43
C ALA A 428 84.05 -36.79 43.78
N ASP A 429 85.23 -36.73 44.39
CA ASP A 429 86.32 -37.58 43.96
C ASP A 429 86.05 -39.02 44.40
N SER A 430 86.50 -39.96 43.57
CA SER A 430 86.36 -41.38 43.89
C SER A 430 87.43 -41.81 44.89
N PRO B 2 44.69 -60.39 62.69
CA PRO B 2 43.91 -59.15 62.82
C PRO B 2 44.24 -58.14 61.72
N PRO B 3 43.69 -58.35 60.53
CA PRO B 3 43.96 -57.41 59.43
C PRO B 3 43.32 -56.05 59.70
N MET B 4 43.77 -55.05 58.95
CA MET B 4 43.28 -53.70 59.12
C MET B 4 43.22 -52.99 57.78
N PHE B 5 42.18 -52.19 57.58
CA PHE B 5 42.06 -51.32 56.42
C PHE B 5 42.78 -50.00 56.66
N SER B 6 43.15 -49.35 55.55
CA SER B 6 43.83 -48.05 55.62
C SER B 6 42.96 -46.98 56.29
N GLN B 7 41.65 -47.14 56.30
CA GLN B 7 40.73 -46.20 56.93
C GLN B 7 39.40 -46.90 57.10
N ASP B 8 38.51 -46.28 57.89
CA ASP B 8 37.25 -46.93 58.22
C ASP B 8 36.15 -46.66 57.21
N VAL B 9 36.06 -45.43 56.69
CA VAL B 9 34.99 -45.05 55.77
C VAL B 9 35.61 -44.47 54.52
N PHE B 10 35.33 -45.09 53.37
CA PHE B 10 35.72 -44.58 52.06
C PHE B 10 34.54 -43.91 51.39
N SER B 11 34.79 -42.80 50.70
CA SER B 11 33.76 -42.08 49.95
C SER B 11 34.08 -42.11 48.47
N VAL B 12 33.05 -42.33 47.66
CA VAL B 12 33.21 -42.54 46.22
C VAL B 12 31.91 -42.10 45.53
N THR B 13 32.04 -41.45 44.37
CA THR B 13 30.89 -40.95 43.62
C THR B 13 30.88 -41.52 42.21
N LEU B 14 29.70 -41.95 41.75
CA LEU B 14 29.54 -42.55 40.43
C LEU B 14 28.45 -41.84 39.64
N ARG B 15 28.69 -41.64 38.36
CA ARG B 15 27.64 -41.16 37.45
CA ARG B 15 27.64 -41.16 37.46
C ARG B 15 26.64 -42.27 37.20
N GLU B 16 25.35 -41.91 37.23
CA GLU B 16 24.31 -42.93 37.09
C GLU B 16 24.38 -43.71 35.78
N ASP B 17 25.11 -43.22 34.78
CA ASP B 17 25.15 -43.87 33.48
C ASP B 17 26.44 -44.67 33.25
N VAL B 18 27.17 -45.02 34.30
CA VAL B 18 28.41 -45.78 34.10
C VAL B 18 28.06 -47.19 33.62
N PRO B 19 28.84 -47.77 32.71
CA PRO B 19 28.51 -49.12 32.24
C PRO B 19 28.66 -50.12 33.36
N PRO B 20 27.85 -51.19 33.34
CA PRO B 20 28.05 -52.26 34.32
C PRO B 20 29.43 -52.89 34.17
N GLY B 21 30.04 -53.21 35.30
CA GLY B 21 31.44 -53.57 35.33
C GLY B 21 32.37 -52.43 35.63
N PHE B 22 31.83 -51.27 35.99
CA PHE B 22 32.65 -50.09 36.25
C PHE B 22 33.40 -50.24 37.56
N SER B 23 34.69 -49.88 37.55
CA SER B 23 35.51 -49.99 38.74
C SER B 23 35.11 -48.94 39.77
N VAL B 24 34.61 -49.40 40.92
CA VAL B 24 34.16 -48.49 41.97
C VAL B 24 35.30 -48.18 42.92
N LEU B 25 35.87 -49.22 43.54
CA LEU B 25 36.93 -49.07 44.52
C LEU B 25 37.45 -50.45 44.91
N GLN B 26 38.74 -50.53 45.21
CA GLN B 26 39.35 -51.72 45.76
C GLN B 26 39.82 -51.42 47.18
N VAL B 27 39.25 -52.10 48.17
CA VAL B 27 39.66 -51.99 49.56
C VAL B 27 40.49 -53.21 49.92
N THR B 28 41.66 -52.99 50.52
CA THR B 28 42.55 -54.06 50.93
C THR B 28 42.92 -53.90 52.39
N ALA B 29 42.73 -54.96 53.18
CA ALA B 29 43.19 -55.01 54.56
C ALA B 29 44.48 -55.83 54.63
N THR B 30 45.32 -55.51 55.61
CA THR B 30 46.65 -56.08 55.71
C THR B 30 46.92 -56.58 57.13
N ASP B 31 47.56 -57.74 57.22
CA ASP B 31 47.87 -58.35 58.52
C ASP B 31 49.35 -58.23 58.85
N GLU B 39 46.41 -64.31 53.41
CA GLU B 39 45.22 -64.50 52.58
C GLU B 39 43.96 -64.07 53.32
N ILE B 40 43.27 -63.06 52.79
CA ILE B 40 42.09 -62.49 53.41
C ILE B 40 40.90 -62.68 52.49
N THR B 41 39.75 -62.99 53.09
CA THR B 41 38.48 -63.07 52.38
C THR B 41 37.65 -61.82 52.66
N TYR B 42 37.04 -61.27 51.61
CA TYR B 42 36.22 -60.07 51.72
C TYR B 42 34.75 -60.41 51.47
N ALA B 43 33.86 -59.74 52.20
CA ALA B 43 32.44 -60.01 52.10
C ALA B 43 31.67 -58.82 52.67
N PHE B 44 30.46 -58.61 52.14
CA PHE B 44 29.56 -57.59 52.67
C PHE B 44 28.94 -58.06 53.98
N HIS B 45 28.45 -57.10 54.76
CA HIS B 45 27.63 -57.40 55.92
C HIS B 45 26.76 -56.20 56.25
N ASN B 46 25.53 -56.47 56.69
CA ASN B 46 24.56 -55.44 57.05
C ASN B 46 24.36 -54.44 55.91
N VAL B 47 24.23 -54.95 54.69
CA VAL B 47 24.02 -54.12 53.51
C VAL B 47 22.58 -54.27 53.07
N ASP B 48 22.07 -53.23 52.40
CA ASP B 48 20.73 -53.29 51.83
C ASP B 48 20.68 -54.36 50.75
N GLU B 49 19.48 -54.93 50.55
CA GLU B 49 19.29 -55.93 49.52
C GLU B 49 19.80 -55.44 48.16
N GLN B 50 19.60 -54.15 47.87
CA GLN B 50 20.02 -53.61 46.58
C GLN B 50 21.53 -53.59 46.42
N VAL B 51 22.28 -53.45 47.52
CA VAL B 51 23.73 -53.55 47.44
C VAL B 51 24.13 -54.88 46.80
N GLU B 52 23.46 -55.96 47.19
CA GLU B 52 23.77 -57.28 46.66
C GLU B 52 23.35 -57.42 45.19
N ARG B 53 22.45 -56.58 44.69
CA ARG B 53 22.00 -56.69 43.32
C ARG B 53 22.75 -55.76 42.36
N ILE B 54 23.42 -54.74 42.89
CA ILE B 54 24.07 -53.73 42.07
C ILE B 54 25.58 -53.90 42.05
N PHE B 55 26.18 -54.25 43.19
CA PHE B 55 27.62 -54.30 43.32
C PHE B 55 28.13 -55.73 43.48
N ASN B 56 29.31 -55.99 42.92
CA ASN B 56 30.01 -57.25 43.08
C ASN B 56 31.31 -57.00 43.83
N LEU B 57 31.56 -57.80 44.86
CA LEU B 57 32.76 -57.69 45.67
C LEU B 57 33.61 -58.94 45.49
N ASP B 58 34.86 -58.75 45.11
CA ASP B 58 35.76 -59.88 44.91
C ASP B 58 36.11 -60.51 46.25
N LYS B 59 35.88 -61.82 46.37
CA LYS B 59 36.11 -62.51 47.63
C LYS B 59 37.56 -62.44 48.07
N ARG B 60 38.51 -62.43 47.13
CA ARG B 60 39.93 -62.41 47.47
C ARG B 60 40.64 -61.12 47.13
N THR B 61 40.25 -60.44 46.04
CA THR B 61 40.98 -59.25 45.62
C THR B 61 40.48 -58.00 46.34
N GLY B 62 39.21 -57.94 46.71
CA GLY B 62 38.67 -56.77 47.35
C GLY B 62 38.26 -55.67 46.39
N GLU B 63 38.31 -55.92 45.10
CA GLU B 63 37.74 -54.99 44.12
C GLU B 63 36.22 -54.95 44.24
N ILE B 64 35.66 -53.77 44.00
CA ILE B 64 34.22 -53.58 43.99
C ILE B 64 33.85 -52.97 42.65
N THR B 65 32.97 -53.66 41.93
CA THR B 65 32.50 -53.20 40.62
C THR B 65 30.99 -53.26 40.57
N THR B 66 30.40 -52.40 39.75
CA THR B 66 28.97 -52.49 39.49
C THR B 66 28.69 -53.69 38.59
N LYS B 67 27.63 -54.43 38.91
CA LYS B 67 27.20 -55.53 38.06
C LYS B 67 25.83 -55.31 37.44
N ASP B 68 25.30 -54.10 37.55
CA ASP B 68 24.02 -53.76 36.96
C ASP B 68 24.01 -52.26 36.67
N ASN B 69 22.90 -51.78 36.12
CA ASN B 69 22.80 -50.37 35.77
C ASN B 69 22.38 -49.54 36.98
N LEU B 70 22.90 -48.32 37.04
CA LEU B 70 22.56 -47.37 38.08
C LEU B 70 21.37 -46.51 37.63
N ASP B 71 20.75 -45.84 38.62
CA ASP B 71 19.62 -44.96 38.31
C ASP B 71 19.46 -43.98 39.47
N PHE B 72 19.87 -42.73 39.26
CA PHE B 72 19.74 -41.69 40.28
C PHE B 72 18.30 -41.51 40.72
N GLU B 73 17.34 -41.74 39.82
CA GLU B 73 15.94 -41.56 40.17
C GLU B 73 15.43 -42.63 41.13
N THR B 74 16.09 -43.80 41.17
CA THR B 74 15.67 -44.87 42.08
C THR B 74 16.44 -44.82 43.39
N ALA B 75 17.75 -44.62 43.33
CA ALA B 75 18.59 -44.53 44.52
C ALA B 75 19.71 -43.53 44.29
N LYS B 76 19.82 -42.54 45.18
CA LYS B 76 20.85 -41.52 45.08
C LYS B 76 22.16 -41.91 45.74
N SER B 77 22.19 -43.01 46.52
CA SER B 77 23.41 -43.40 47.20
C SER B 77 23.30 -44.84 47.66
N TYR B 78 24.43 -45.40 48.06
CA TYR B 78 24.51 -46.75 48.61
C TYR B 78 25.50 -46.76 49.76
N THR B 79 25.30 -47.70 50.69
CA THR B 79 26.15 -47.87 51.87
C THR B 79 26.67 -49.31 51.86
N LEU B 80 27.95 -49.48 51.53
CA LEU B 80 28.59 -50.79 51.47
C LEU B 80 29.48 -50.97 52.70
N ASN B 81 29.18 -52.00 53.51
CA ASN B 81 30.02 -52.38 54.62
C ASN B 81 30.73 -53.68 54.27
N VAL B 82 32.06 -53.66 54.29
CA VAL B 82 32.89 -54.80 53.91
C VAL B 82 33.56 -55.37 55.15
N GLU B 83 33.60 -56.71 55.22
CA GLU B 83 34.26 -57.42 56.32
C GLU B 83 35.45 -58.19 55.77
N ALA B 84 36.62 -57.95 56.34
CA ALA B 84 37.84 -58.67 55.99
C ALA B 84 38.18 -59.66 57.09
N LYS B 85 38.17 -60.95 56.76
CA LYS B 85 38.43 -62.02 57.72
C LYS B 85 39.76 -62.69 57.41
N ASP B 86 40.62 -62.78 58.42
CA ASP B 86 41.93 -63.41 58.27
C ASP B 86 41.76 -64.94 58.24
N PRO B 87 42.86 -65.69 58.16
CA PRO B 87 42.74 -67.16 58.34
C PRO B 87 42.14 -67.55 59.68
N GLY B 88 42.52 -66.89 60.76
CA GLY B 88 41.76 -66.97 61.99
C GLY B 88 40.34 -66.43 61.77
N ASP B 89 39.60 -66.36 62.86
CA ASP B 89 38.25 -65.80 62.75
C ASP B 89 38.23 -64.30 63.01
N LEU B 90 39.36 -63.70 63.39
CA LEU B 90 39.39 -62.27 63.69
C LEU B 90 39.12 -61.46 62.41
N ALA B 91 38.43 -60.34 62.57
CA ALA B 91 37.98 -59.59 61.40
C ALA B 91 38.07 -58.10 61.64
N SER B 92 38.10 -57.36 60.53
CA SER B 92 38.06 -55.91 60.52
C SER B 92 37.03 -55.46 59.49
N HIS B 93 36.43 -54.30 59.74
CA HIS B 93 35.36 -53.79 58.90
C HIS B 93 35.69 -52.39 58.43
N CYS B 94 35.22 -52.07 57.22
CA CYS B 94 35.24 -50.71 56.70
C CYS B 94 33.94 -50.47 55.93
N SER B 95 33.69 -49.22 55.59
CA SER B 95 32.47 -48.83 54.89
C SER B 95 32.83 -48.01 53.65
N ILE B 96 32.06 -48.21 52.58
CA ILE B 96 32.18 -47.43 51.36
C ILE B 96 30.82 -46.76 51.12
N GLN B 97 30.79 -45.43 51.14
CA GLN B 97 29.58 -44.67 50.91
C GLN B 97 29.58 -44.19 49.46
N VAL B 98 28.77 -44.82 48.63
CA VAL B 98 28.76 -44.55 47.19
C VAL B 98 27.69 -43.50 46.90
N LYS B 99 28.11 -42.37 46.36
CA LYS B 99 27.22 -41.25 46.04
C LYS B 99 26.94 -41.25 44.54
N ILE B 100 25.67 -41.21 44.18
CA ILE B 100 25.25 -41.27 42.78
C ILE B 100 25.01 -39.85 42.29
N LEU B 101 25.39 -39.58 41.05
CA LEU B 101 25.24 -38.26 40.43
C LEU B 101 24.11 -38.28 39.41
N ASP B 102 23.29 -37.24 39.44
CA ASP B 102 22.18 -37.13 38.50
C ASP B 102 22.71 -36.79 37.10
N GLU B 103 22.17 -37.48 36.11
CA GLU B 103 22.37 -37.15 34.71
C GLU B 103 21.02 -36.81 34.09
N ASN B 104 21.07 -36.11 32.96
CA ASN B 104 19.85 -35.74 32.24
C ASN B 104 19.42 -36.92 31.36
N ASP B 105 18.65 -37.84 31.93
CA ASP B 105 18.18 -38.99 31.19
C ASP B 105 16.66 -39.21 31.28
N CYS B 106 15.91 -38.20 31.72
CA CYS B 106 14.46 -38.27 31.77
C CYS B 106 13.89 -37.18 30.87
N VAL B 107 13.10 -37.59 29.88
CA VAL B 107 12.55 -36.64 28.91
C VAL B 107 11.46 -35.81 29.57
N PRO B 108 11.42 -34.49 29.35
CA PRO B 108 10.31 -33.70 29.88
C PRO B 108 8.99 -34.13 29.25
N GLU B 109 7.93 -34.12 30.05
CA GLU B 109 6.59 -34.36 29.56
C GLU B 109 5.70 -33.17 29.85
N VAL B 110 4.77 -32.91 28.95
CA VAL B 110 3.83 -31.80 29.07
C VAL B 110 2.42 -32.36 29.12
N ILE B 111 1.63 -31.87 30.08
CA ILE B 111 0.30 -32.39 30.37
C ILE B 111 -0.68 -31.26 30.11
N VAL B 112 -1.51 -31.41 29.07
CA VAL B 112 -2.47 -30.39 28.68
C VAL B 112 -3.87 -30.88 28.99
N THR B 113 -4.64 -30.09 29.73
CA THR B 113 -6.00 -30.41 30.12
C THR B 113 -6.90 -29.22 29.80
N SER B 114 -8.21 -29.46 29.86
CA SER B 114 -9.23 -28.42 29.76
C SER B 114 -9.10 -27.63 28.45
N VAL B 115 -8.82 -28.31 27.34
CA VAL B 115 -8.71 -27.59 26.09
C VAL B 115 -10.12 -27.22 25.60
N PHE B 116 -10.25 -25.98 25.13
CA PHE B 116 -11.53 -25.35 24.79
C PHE B 116 -11.99 -25.86 23.43
N THR B 117 -12.83 -26.88 23.43
CA THR B 117 -13.30 -27.46 22.16
C THR B 117 -14.80 -27.72 22.12
N PRO B 118 -15.49 -27.17 21.11
CA PRO B 118 -14.88 -26.30 20.11
C PRO B 118 -14.69 -24.87 20.62
N LEU B 119 -13.79 -24.12 19.99
CA LEU B 119 -13.47 -22.77 20.43
C LEU B 119 -14.30 -21.78 19.62
N PRO B 120 -15.27 -21.09 20.22
CA PRO B 120 -16.11 -20.16 19.45
C PRO B 120 -15.29 -19.07 18.77
N GLU B 121 -15.64 -18.78 17.50
CA GLU B 121 -14.90 -17.82 16.71
C GLU B 121 -14.97 -16.41 17.28
N ASP B 122 -15.97 -16.10 18.11
CA ASP B 122 -16.08 -14.78 18.71
C ASP B 122 -15.47 -14.72 20.11
N SER B 123 -14.65 -15.72 20.47
CA SER B 123 -13.97 -15.70 21.76
C SER B 123 -13.17 -14.41 21.91
N PRO B 124 -13.31 -13.70 23.03
CA PRO B 124 -12.53 -12.46 23.22
C PRO B 124 -11.05 -12.76 23.39
N LEU B 125 -10.26 -11.70 23.31
CA LEU B 125 -8.83 -11.80 23.52
C LEU B 125 -8.52 -12.25 24.95
N GLY B 126 -7.57 -13.15 25.09
CA GLY B 126 -7.23 -13.68 26.39
C GLY B 126 -8.10 -14.82 26.85
N THR B 127 -8.89 -15.41 25.96
CA THR B 127 -9.67 -16.60 26.32
C THR B 127 -8.72 -17.75 26.60
N VAL B 128 -8.93 -18.43 27.72
CA VAL B 128 -8.06 -19.53 28.14
C VAL B 128 -8.44 -20.76 27.32
N ILE B 129 -7.53 -21.19 26.44
CA ILE B 129 -7.78 -22.33 25.57
C ILE B 129 -7.45 -23.65 26.26
N ALA B 130 -6.29 -23.73 26.90
CA ALA B 130 -5.85 -24.97 27.51
C ALA B 130 -4.99 -24.67 28.72
N LEU B 131 -4.95 -25.63 29.64
CA LEU B 131 -4.09 -25.58 30.81
C LEU B 131 -2.96 -26.59 30.60
N ILE B 132 -1.72 -26.14 30.81
CA ILE B 132 -0.54 -26.94 30.52
C ILE B 132 0.29 -27.06 31.79
N LYS B 133 0.74 -28.28 32.09
CA LYS B 133 1.60 -28.59 33.23
C LYS B 133 2.77 -29.43 32.75
N THR B 134 3.93 -29.25 33.38
CA THR B 134 5.12 -29.98 33.00
C THR B 134 5.68 -30.79 34.17
N ARG B 135 6.22 -31.96 33.84
CA ARG B 135 6.94 -32.80 34.80
C ARG B 135 8.27 -33.21 34.19
N ASP B 136 9.27 -33.36 35.04
CA ASP B 136 10.57 -33.89 34.63
C ASP B 136 11.17 -34.60 35.83
N ARG B 137 11.40 -35.91 35.68
CA ARG B 137 11.79 -36.74 36.81
C ARG B 137 13.20 -36.44 37.30
N ASP B 138 14.02 -35.76 36.49
CA ASP B 138 15.38 -35.44 36.88
C ASP B 138 15.41 -34.35 37.96
N SER B 139 16.59 -34.11 38.50
CA SER B 139 16.83 -33.07 39.49
C SER B 139 17.60 -31.91 38.87
N GLY B 140 17.68 -30.82 39.63
CA GLY B 140 18.41 -29.63 39.25
C GLY B 140 17.97 -29.09 37.89
N GLU B 141 18.96 -28.56 37.15
CA GLU B 141 18.68 -28.04 35.81
C GLU B 141 18.16 -29.13 34.88
N ASN B 142 18.56 -30.38 35.09
CA ASN B 142 18.05 -31.47 34.27
C ASN B 142 16.54 -31.64 34.44
N GLY B 143 15.98 -31.18 35.55
CA GLY B 143 14.55 -31.22 35.77
C GLY B 143 13.83 -29.90 35.63
N ASP B 144 14.47 -28.88 35.06
CA ASP B 144 13.90 -27.55 34.91
C ASP B 144 13.47 -27.36 33.47
N VAL B 145 12.16 -27.40 33.21
CA VAL B 145 11.63 -27.41 31.85
C VAL B 145 10.86 -26.11 31.61
N TYR B 146 10.92 -25.65 30.35
CA TYR B 146 10.24 -24.43 29.95
C TYR B 146 9.55 -24.66 28.61
N CYS B 147 8.39 -24.05 28.45
CA CYS B 147 7.56 -24.25 27.28
C CYS B 147 7.52 -23.01 26.40
N HIS B 148 7.11 -23.23 25.15
CA HIS B 148 6.89 -22.17 24.18
C HIS B 148 6.04 -22.74 23.06
N VAL B 149 5.43 -21.85 22.30
CA VAL B 149 4.53 -22.21 21.21
C VAL B 149 5.27 -22.02 19.89
N LEU B 150 5.11 -22.96 18.97
CA LEU B 150 5.66 -22.84 17.63
C LEU B 150 4.69 -22.06 16.74
N GLY B 151 5.22 -21.08 16.01
CA GLY B 151 4.44 -20.33 15.06
C GLY B 151 3.82 -19.07 15.65
N ASN B 152 3.21 -18.28 14.76
CA ASN B 152 2.54 -17.04 15.12
C ASN B 152 1.15 -17.05 14.49
N GLU B 153 0.28 -17.92 15.01
CA GLU B 153 -1.10 -18.00 14.55
C GLU B 153 -2.09 -17.36 15.52
N GLY B 154 -1.60 -16.78 16.61
CA GLY B 154 -2.46 -16.03 17.52
C GLY B 154 -2.70 -16.69 18.86
N PHE B 155 -1.71 -17.43 19.35
CA PHE B 155 -1.81 -18.09 20.66
C PHE B 155 -0.51 -17.89 21.40
N VAL B 156 -0.60 -17.45 22.66
CA VAL B 156 0.57 -17.23 23.48
C VAL B 156 0.43 -18.04 24.77
N LEU B 157 1.58 -18.38 25.36
CA LEU B 157 1.64 -19.05 26.65
C LEU B 157 1.85 -18.03 27.76
N LYS B 158 1.08 -18.16 28.83
CA LYS B 158 1.20 -17.28 29.99
C LYS B 158 1.45 -18.14 31.22
N SER B 159 2.54 -17.86 31.94
CA SER B 159 2.95 -18.65 33.09
C SER B 159 2.26 -18.09 34.34
N SER B 160 1.29 -18.82 34.86
CA SER B 160 0.64 -18.43 36.11
C SER B 160 1.52 -18.74 37.31
N SER B 161 2.22 -19.87 37.27
CA SER B 161 3.24 -20.19 38.26
C SER B 161 4.27 -21.09 37.57
N LYS B 162 5.25 -21.56 38.35
CA LYS B 162 6.31 -22.39 37.79
C LYS B 162 5.75 -23.75 37.38
N ASN B 163 6.05 -24.15 36.13
CA ASN B 163 5.60 -25.40 35.52
C ASN B 163 4.11 -25.42 35.22
N TYR B 164 3.46 -24.26 35.24
CA TYR B 164 2.03 -24.15 34.92
C TYR B 164 1.82 -23.04 33.91
N TYR B 165 1.11 -23.34 32.83
CA TYR B 165 0.90 -22.38 31.75
C TYR B 165 -0.56 -22.35 31.34
N LYS B 166 -0.98 -21.19 30.82
CA LYS B 166 -2.27 -21.03 30.18
C LYS B 166 -2.03 -20.66 28.73
N LEU B 167 -2.57 -21.46 27.81
CA LEU B 167 -2.58 -21.10 26.40
C LEU B 167 -3.78 -20.20 26.14
N VAL B 168 -3.52 -18.98 25.67
CA VAL B 168 -4.57 -17.99 25.47
C VAL B 168 -4.50 -17.42 24.07
N THR B 169 -5.61 -16.81 23.65
CA THR B 169 -5.68 -16.10 22.39
C THR B 169 -5.18 -14.67 22.56
N ASP B 170 -4.41 -14.20 21.59
CA ASP B 170 -4.08 -12.77 21.48
C ASP B 170 -4.46 -12.23 20.11
N ARG B 171 -5.43 -12.85 19.45
CA ARG B 171 -5.88 -12.47 18.12
C ARG B 171 -7.34 -12.87 17.97
N THR B 172 -8.12 -12.02 17.29
CA THR B 172 -9.52 -12.36 17.00
C THR B 172 -9.57 -13.50 15.99
N LEU B 173 -10.48 -14.43 16.22
CA LEU B 173 -10.63 -15.61 15.38
C LEU B 173 -11.73 -15.39 14.35
N ASP B 174 -11.75 -16.27 13.33
CA ASP B 174 -12.74 -16.19 12.26
C ASP B 174 -12.84 -17.56 11.60
N ARG B 175 -13.93 -18.27 11.90
CA ARG B 175 -14.11 -19.62 11.36
C ARG B 175 -14.14 -19.62 9.84
N GLU B 176 -14.70 -18.56 9.23
CA GLU B 176 -14.77 -18.48 7.77
C GLU B 176 -13.40 -18.36 7.12
N ALA B 177 -12.35 -18.07 7.88
CA ALA B 177 -10.99 -17.96 7.36
C ALA B 177 -10.12 -19.15 7.74
N ILE B 178 -10.06 -19.49 9.02
CA ILE B 178 -9.29 -20.65 9.48
C ILE B 178 -10.15 -21.47 10.43
N PRO B 179 -10.70 -22.59 9.99
CA PRO B 179 -11.64 -23.34 10.84
C PRO B 179 -10.97 -24.32 11.79
N GLU B 180 -9.70 -24.66 11.56
CA GLU B 180 -9.02 -25.67 12.37
C GLU B 180 -7.57 -25.28 12.60
N TYR B 181 -7.11 -25.45 13.84
CA TYR B 181 -5.75 -25.11 14.22
C TYR B 181 -5.03 -26.35 14.76
N ASN B 182 -3.75 -26.47 14.43
CA ASN B 182 -2.85 -27.43 15.05
C ASN B 182 -1.75 -26.66 15.76
N VAL B 183 -1.78 -26.66 17.09
CA VAL B 183 -0.87 -25.88 17.91
C VAL B 183 0.12 -26.84 18.58
N THR B 184 1.40 -26.69 18.26
CA THR B 184 2.44 -27.52 18.84
C THR B 184 3.10 -26.78 19.99
N ILE B 185 3.12 -27.40 21.16
CA ILE B 185 3.77 -26.86 22.35
C ILE B 185 5.01 -27.70 22.65
N VAL B 186 6.16 -27.03 22.75
CA VAL B 186 7.44 -27.69 22.96
C VAL B 186 7.93 -27.36 24.35
N ALA B 187 8.29 -28.39 25.12
CA ALA B 187 8.89 -28.26 26.43
C ALA B 187 10.29 -28.84 26.39
N ALA B 188 11.26 -28.12 26.95
CA ALA B 188 12.65 -28.55 26.94
C ALA B 188 13.27 -28.33 28.32
N ASP B 189 14.04 -29.30 28.79
CA ASP B 189 14.75 -29.11 30.04
C ASP B 189 16.03 -28.32 29.81
N ARG B 190 16.62 -27.83 30.90
CA ARG B 190 17.85 -27.06 30.85
C ARG B 190 19.06 -27.89 31.28
N GLY B 191 19.06 -29.17 30.96
CA GLY B 191 20.20 -30.01 31.22
C GLY B 191 21.25 -29.92 30.13
N LYS B 192 22.34 -30.64 30.35
CA LYS B 192 23.42 -30.68 29.37
C LYS B 192 23.81 -32.12 29.03
N PRO B 193 23.44 -32.58 27.83
CA PRO B 193 22.65 -31.86 26.82
C PRO B 193 21.15 -31.88 27.12
N PRO B 194 20.40 -30.91 26.57
CA PRO B 194 18.98 -30.82 26.90
C PRO B 194 18.14 -31.88 26.20
N LEU B 195 17.01 -32.19 26.81
CA LEU B 195 16.00 -33.07 26.25
C LEU B 195 14.70 -32.29 26.08
N SER B 196 13.90 -32.67 25.09
CA SER B 196 12.66 -31.96 24.80
C SER B 196 11.66 -32.87 24.13
N SER B 197 10.38 -32.63 24.43
CA SER B 197 9.25 -33.29 23.78
C SER B 197 8.26 -32.22 23.31
N ASN B 198 7.28 -32.64 22.53
CA ASN B 198 6.24 -31.71 22.08
C ASN B 198 4.88 -32.41 22.14
N VAL B 199 3.84 -31.58 22.28
CA VAL B 199 2.45 -32.02 22.24
C VAL B 199 1.70 -31.10 21.28
N ILE B 200 0.89 -31.70 20.42
CA ILE B 200 0.15 -30.97 19.39
C ILE B 200 -1.32 -30.91 19.81
N ILE B 201 -1.84 -29.69 19.94
CA ILE B 201 -3.23 -29.46 20.31
C ILE B 201 -4.02 -29.10 19.07
N THR B 202 -5.14 -29.78 18.85
CA THR B 202 -6.03 -29.50 17.73
C THR B 202 -7.19 -28.63 18.21
N LEU B 203 -7.39 -27.51 17.54
CA LEU B 203 -8.44 -26.56 17.88
C LEU B 203 -9.50 -26.52 16.78
N HIS B 204 -10.75 -26.75 17.16
CA HIS B 204 -11.88 -26.64 16.26
C HIS B 204 -12.63 -25.34 16.55
N ILE B 205 -12.79 -24.52 15.52
CA ILE B 205 -13.47 -23.22 15.66
C ILE B 205 -14.94 -23.40 15.33
N SER B 206 -15.80 -23.15 16.31
CA SER B 206 -17.24 -23.28 16.12
C SER B 206 -17.82 -21.98 15.56
N ASP B 207 -18.91 -22.12 14.80
CA ASP B 207 -19.43 -20.99 14.04
C ASP B 207 -20.30 -20.08 14.91
N VAL B 208 -20.28 -18.79 14.56
CA VAL B 208 -21.18 -17.78 15.08
C VAL B 208 -21.86 -17.10 13.90
N ASN B 209 -23.13 -16.73 14.08
CA ASN B 209 -23.84 -16.03 13.01
C ASN B 209 -23.34 -14.60 12.90
N ASP B 210 -22.28 -14.40 12.11
CA ASP B 210 -21.70 -13.06 11.95
C ASP B 210 -21.57 -12.66 10.48
N ASN B 211 -22.22 -13.38 9.56
CA ASN B 211 -22.24 -13.00 8.15
C ASN B 211 -23.69 -12.85 7.71
N ALA B 212 -24.02 -11.68 7.17
CA ALA B 212 -25.36 -11.48 6.64
C ALA B 212 -25.48 -12.08 5.23
N PRO B 213 -26.67 -12.52 4.85
CA PRO B 213 -26.88 -12.92 3.44
C PRO B 213 -26.50 -11.78 2.49
N VAL B 214 -25.97 -12.16 1.33
CA VAL B 214 -25.60 -11.21 0.29
C VAL B 214 -26.15 -11.73 -1.03
N PHE B 215 -27.01 -10.94 -1.67
CA PHE B 215 -27.61 -11.34 -2.94
C PHE B 215 -26.57 -11.39 -4.05
N HIS B 216 -26.78 -12.33 -4.99
CA HIS B 216 -25.83 -12.52 -6.07
C HIS B 216 -25.72 -11.28 -6.95
N GLN B 217 -26.78 -10.47 -7.03
CA GLN B 217 -26.77 -9.22 -7.77
C GLN B 217 -27.15 -8.08 -6.84
N ALA B 218 -26.60 -6.90 -7.10
CA ALA B 218 -26.93 -5.73 -6.29
C ALA B 218 -28.37 -5.29 -6.50
N SER B 219 -28.93 -5.54 -7.68
CA SER B 219 -30.32 -5.26 -7.98
C SER B 219 -30.72 -6.10 -9.19
N TYR B 220 -32.03 -6.23 -9.40
CA TYR B 220 -32.57 -7.12 -10.41
C TYR B 220 -33.46 -6.37 -11.39
N LEU B 221 -33.19 -6.53 -12.68
CA LEU B 221 -34.02 -6.02 -13.76
C LEU B 221 -34.54 -7.23 -14.53
N VAL B 222 -35.87 -7.38 -14.57
CA VAL B 222 -36.52 -8.54 -15.13
C VAL B 222 -37.46 -8.12 -16.26
N HIS B 223 -37.47 -8.88 -17.35
CA HIS B 223 -38.38 -8.66 -18.47
C HIS B 223 -39.38 -9.81 -18.53
N VAL B 224 -40.67 -9.47 -18.63
CA VAL B 224 -41.74 -10.46 -18.73
C VAL B 224 -42.66 -10.08 -19.89
N ALA B 225 -42.87 -11.02 -20.80
CA ALA B 225 -43.78 -10.79 -21.92
C ALA B 225 -45.21 -10.72 -21.41
N GLU B 226 -45.92 -9.69 -21.87
CA GLU B 226 -47.34 -9.51 -21.60
C GLU B 226 -48.12 -10.78 -21.92
N ASN B 227 -49.27 -10.93 -21.27
CA ASN B 227 -50.20 -12.04 -21.49
C ASN B 227 -49.59 -13.38 -21.10
N ASN B 228 -48.63 -13.34 -20.18
CA ASN B 228 -48.00 -14.55 -19.67
C ASN B 228 -49.02 -15.42 -18.95
N PRO B 229 -48.76 -16.73 -18.87
CA PRO B 229 -49.61 -17.59 -18.04
C PRO B 229 -49.39 -17.31 -16.57
N PRO B 230 -50.44 -17.36 -15.75
CA PRO B 230 -50.26 -17.17 -14.32
C PRO B 230 -49.45 -18.31 -13.71
N GLY B 231 -48.74 -17.99 -12.63
CA GLY B 231 -47.92 -18.97 -11.96
C GLY B 231 -46.63 -19.32 -12.67
N THR B 232 -46.23 -18.56 -13.68
CA THR B 232 -45.01 -18.85 -14.41
C THR B 232 -43.82 -18.16 -13.75
N SER B 233 -42.68 -18.83 -13.79
CA SER B 233 -41.47 -18.29 -13.19
C SER B 233 -40.92 -17.17 -14.05
N ILE B 234 -40.73 -16.00 -13.47
CA ILE B 234 -40.19 -14.86 -14.20
C ILE B 234 -38.75 -14.53 -13.80
N ALA B 235 -38.29 -14.94 -12.63
CA ALA B 235 -36.93 -14.66 -12.19
C ALA B 235 -36.61 -15.54 -10.99
N GLN B 236 -35.36 -15.49 -10.54
CA GLN B 236 -34.93 -16.22 -9.35
C GLN B 236 -33.80 -15.45 -8.68
N VAL B 237 -34.05 -14.97 -7.46
CA VAL B 237 -33.02 -14.32 -6.66
C VAL B 237 -32.26 -15.40 -5.90
N SER B 238 -31.00 -15.12 -5.58
CA SER B 238 -30.15 -16.04 -4.83
C SER B 238 -29.18 -15.23 -3.98
N ALA B 239 -29.08 -15.60 -2.70
CA ALA B 239 -28.15 -14.97 -1.78
C ALA B 239 -27.28 -16.04 -1.13
N SER B 240 -26.05 -15.65 -0.81
CA SER B 240 -25.06 -16.56 -0.24
C SER B 240 -24.71 -16.15 1.18
N ASP B 241 -24.48 -17.14 2.02
CA ASP B 241 -24.17 -16.92 3.43
C ASP B 241 -23.14 -17.95 3.87
N PRO B 242 -21.92 -17.54 4.21
CA PRO B 242 -20.86 -18.51 4.49
C PRO B 242 -20.93 -19.14 5.87
N ASP B 243 -21.88 -18.74 6.71
CA ASP B 243 -22.01 -19.33 8.03
C ASP B 243 -22.50 -20.78 7.92
N LEU B 244 -22.44 -21.49 9.04
CA LEU B 244 -22.77 -22.91 9.08
C LEU B 244 -24.21 -23.15 9.52
N GLY B 245 -24.79 -24.22 8.99
CA GLY B 245 -26.08 -24.69 9.47
C GLY B 245 -27.17 -23.64 9.38
N SER B 246 -27.93 -23.51 10.48
CA SER B 246 -29.04 -22.56 10.52
C SER B 246 -28.57 -21.14 10.30
N ASN B 247 -27.33 -20.81 10.70
CA ASN B 247 -26.80 -19.48 10.48
C ASN B 247 -26.65 -19.17 8.99
N GLY B 248 -26.59 -20.18 8.13
CA GLY B 248 -26.42 -19.98 6.71
C GLY B 248 -27.64 -20.35 5.88
N LEU B 249 -28.69 -20.82 6.52
CA LEU B 249 -29.92 -21.21 5.83
C LEU B 249 -30.71 -19.97 5.45
N ILE B 250 -31.03 -19.84 4.15
CA ILE B 250 -31.65 -18.63 3.61
C ILE B 250 -33.14 -18.86 3.37
N SER B 251 -33.94 -17.86 3.71
CA SER B 251 -35.34 -17.78 3.31
C SER B 251 -35.58 -16.46 2.61
N TYR B 252 -36.39 -16.50 1.54
CA TYR B 252 -36.69 -15.34 0.72
C TYR B 252 -38.15 -14.92 0.90
N SER B 253 -38.40 -13.62 0.78
CA SER B 253 -39.74 -13.08 0.94
C SER B 253 -39.84 -11.76 0.20
N ILE B 254 -41.06 -11.25 0.10
CA ILE B 254 -41.35 -9.95 -0.49
C ILE B 254 -41.78 -9.02 0.64
N ILE B 255 -41.07 -7.91 0.81
CA ILE B 255 -41.37 -6.98 1.88
C ILE B 255 -41.96 -5.65 1.39
N ALA B 256 -41.78 -5.28 0.12
CA ALA B 256 -42.25 -3.99 -0.33
C ALA B 256 -42.57 -4.04 -1.82
N SER B 257 -43.30 -3.03 -2.29
CA SER B 257 -43.76 -2.95 -3.66
C SER B 257 -44.33 -1.56 -3.92
N ASP B 258 -44.05 -1.00 -5.09
CA ASP B 258 -44.73 0.23 -5.49
C ASP B 258 -46.17 -0.02 -5.92
N LEU B 259 -46.59 -1.29 -5.99
CA LEU B 259 -47.97 -1.62 -6.24
C LEU B 259 -48.83 -1.30 -5.02
N GLU B 260 -50.13 -1.44 -5.18
CA GLU B 260 -51.02 -1.32 -4.04
C GLU B 260 -50.77 -2.48 -3.09
N PRO B 261 -50.64 -2.24 -1.78
CA PRO B 261 -50.32 -3.35 -0.86
C PRO B 261 -51.34 -4.47 -0.89
N ARG B 262 -52.62 -4.14 -1.09
CA ARG B 262 -53.67 -5.15 -1.01
C ARG B 262 -53.66 -6.08 -2.21
N ALA B 263 -53.12 -5.64 -3.35
CA ALA B 263 -53.15 -6.41 -4.58
C ALA B 263 -51.82 -7.09 -4.91
N LEU B 264 -50.79 -6.89 -4.09
CA LEU B 264 -49.46 -7.41 -4.40
C LEU B 264 -49.49 -8.93 -4.57
N SER B 265 -50.18 -9.62 -3.66
CA SER B 265 -50.26 -11.09 -3.72
C SER B 265 -50.81 -11.57 -5.06
N SER B 266 -51.67 -10.77 -5.70
CA SER B 266 -52.25 -11.15 -6.98
C SER B 266 -51.29 -10.96 -8.15
N PHE B 267 -50.20 -10.23 -7.96
CA PHE B 267 -49.25 -9.95 -9.05
C PHE B 267 -48.07 -10.91 -9.03
N VAL B 268 -47.36 -11.00 -7.90
CA VAL B 268 -46.15 -11.81 -7.79
C VAL B 268 -46.06 -12.46 -6.41
N SER B 269 -45.18 -13.44 -6.31
CA SER B 269 -44.82 -14.08 -5.05
C SER B 269 -43.47 -14.76 -5.24
N VAL B 270 -42.73 -14.90 -4.14
CA VAL B 270 -41.43 -15.58 -4.15
C VAL B 270 -41.54 -16.86 -3.34
N ASN B 271 -40.89 -17.91 -3.83
CA ASN B 271 -40.83 -19.15 -3.07
C ASN B 271 -39.88 -18.97 -1.89
N GLN B 272 -40.32 -19.43 -0.71
CA GLN B 272 -39.58 -19.17 0.51
C GLN B 272 -38.16 -19.73 0.44
N ASP B 273 -37.98 -20.86 -0.23
CA ASP B 273 -36.71 -21.59 -0.21
C ASP B 273 -35.91 -21.48 -1.49
N SER B 274 -36.56 -21.51 -2.66
CA SER B 274 -35.85 -21.48 -3.92
C SER B 274 -35.50 -20.07 -4.39
N GLY B 275 -36.21 -19.06 -3.92
CA GLY B 275 -36.02 -17.72 -4.43
C GLY B 275 -36.60 -17.45 -5.79
N VAL B 276 -37.34 -18.41 -6.36
CA VAL B 276 -38.01 -18.17 -7.63
C VAL B 276 -39.13 -17.15 -7.42
N VAL B 277 -39.21 -16.16 -8.30
CA VAL B 277 -40.31 -15.22 -8.33
C VAL B 277 -41.33 -15.71 -9.36
N PHE B 278 -42.59 -15.75 -8.97
CA PHE B 278 -43.67 -16.24 -9.83
C PHE B 278 -44.64 -15.11 -10.16
N ALA B 279 -45.03 -15.03 -11.44
CA ALA B 279 -46.09 -14.13 -11.85
C ALA B 279 -47.44 -14.74 -11.47
N GLN B 280 -48.20 -14.03 -10.64
CA GLN B 280 -49.48 -14.53 -10.14
C GLN B 280 -50.66 -14.09 -11.00
N ARG B 281 -50.40 -13.50 -12.17
CA ARG B 281 -51.47 -13.09 -13.07
C ARG B 281 -50.88 -12.87 -14.45
N ALA B 282 -51.76 -12.61 -15.41
CA ALA B 282 -51.36 -12.28 -16.78
C ALA B 282 -51.20 -10.77 -16.89
N PHE B 283 -49.96 -10.32 -17.03
CA PHE B 283 -49.70 -8.88 -17.09
C PHE B 283 -50.19 -8.31 -18.42
N ASP B 284 -50.51 -7.03 -18.40
CA ASP B 284 -51.07 -6.30 -19.54
C ASP B 284 -50.27 -5.03 -19.74
N HIS B 285 -49.42 -5.01 -20.77
CA HIS B 285 -48.55 -3.87 -21.01
C HIS B 285 -49.35 -2.57 -21.16
N GLU B 286 -50.58 -2.65 -21.64
CA GLU B 286 -51.38 -1.45 -21.81
C GLU B 286 -51.86 -0.89 -20.48
N GLN B 287 -52.17 -1.76 -19.51
CA GLN B 287 -52.62 -1.29 -18.20
C GLN B 287 -51.45 -0.78 -17.35
N LEU B 288 -50.37 -1.54 -17.28
CA LEU B 288 -49.22 -1.19 -16.45
C LEU B 288 -47.96 -1.69 -17.11
N ARG B 289 -47.02 -0.77 -17.37
CA ARG B 289 -45.79 -1.15 -18.06
C ARG B 289 -44.77 -1.81 -17.11
N SER B 290 -44.73 -1.39 -15.85
CA SER B 290 -43.72 -1.91 -14.94
C SER B 290 -44.16 -1.72 -13.50
N PHE B 291 -43.46 -2.40 -12.59
CA PHE B 291 -43.65 -2.25 -11.16
C PHE B 291 -42.36 -2.63 -10.45
N GLN B 292 -42.14 -2.06 -9.27
CA GLN B 292 -40.94 -2.29 -8.48
C GLN B 292 -41.24 -3.21 -7.31
N LEU B 293 -40.16 -3.81 -6.79
CA LEU B 293 -40.27 -4.86 -5.79
C LEU B 293 -39.02 -4.82 -4.92
N THR B 294 -39.20 -5.15 -3.64
CA THR B 294 -38.10 -5.24 -2.68
C THR B 294 -38.10 -6.63 -2.05
N LEU B 295 -37.08 -7.43 -2.36
CA LEU B 295 -36.94 -8.78 -1.82
C LEU B 295 -36.01 -8.77 -0.62
N GLN B 296 -36.18 -9.78 0.25
CA GLN B 296 -35.38 -9.92 1.45
C GLN B 296 -34.92 -11.35 1.61
N ALA B 297 -33.61 -11.53 1.82
CA ALA B 297 -33.02 -12.80 2.19
C ALA B 297 -32.65 -12.76 3.67
N ARG B 298 -33.03 -13.80 4.40
CA ARG B 298 -32.88 -13.82 5.86
C ARG B 298 -32.30 -15.16 6.29
N ASP B 299 -31.28 -15.12 7.15
CA ASP B 299 -30.78 -16.39 7.66
C ASP B 299 -31.60 -16.83 8.86
N HIS B 300 -31.36 -18.05 9.32
CA HIS B 300 -32.08 -18.64 10.44
C HIS B 300 -31.20 -18.77 11.67
N GLY B 301 -30.41 -17.72 11.96
CA GLY B 301 -29.56 -17.69 13.12
C GLY B 301 -30.14 -16.83 14.24
N SER B 302 -29.40 -16.79 15.35
CA SER B 302 -29.80 -16.01 16.51
C SER B 302 -28.70 -15.02 16.91
N PRO B 303 -28.90 -13.73 16.62
CA PRO B 303 -30.09 -13.17 15.96
C PRO B 303 -30.05 -13.32 14.43
N THR B 304 -31.20 -13.15 13.79
CA THR B 304 -31.25 -13.30 12.34
C THR B 304 -30.56 -12.12 11.65
N LEU B 305 -29.95 -12.41 10.51
CA LEU B 305 -29.34 -11.40 9.66
C LEU B 305 -30.03 -11.43 8.30
N SER B 306 -29.99 -10.30 7.59
CA SER B 306 -30.81 -10.16 6.41
C SER B 306 -30.14 -9.24 5.39
N ALA B 307 -30.71 -9.22 4.20
CA ALA B 307 -30.30 -8.31 3.14
C ALA B 307 -31.52 -7.96 2.30
N ASN B 308 -31.62 -6.69 1.91
CA ASN B 308 -32.72 -6.18 1.13
C ASN B 308 -32.22 -5.81 -0.26
N VAL B 309 -33.00 -6.18 -1.29
CA VAL B 309 -32.61 -5.95 -2.67
C VAL B 309 -33.82 -5.48 -3.46
N SER B 310 -33.55 -4.75 -4.54
CA SER B 310 -34.59 -4.17 -5.38
C SER B 310 -34.70 -4.95 -6.69
N MET B 311 -35.92 -5.27 -7.07
CA MET B 311 -36.23 -5.89 -8.35
C MET B 311 -37.25 -5.04 -9.09
N ARG B 312 -36.96 -4.73 -10.35
CA ARG B 312 -37.89 -4.04 -11.21
C ARG B 312 -38.33 -4.98 -12.33
N VAL B 313 -39.63 -5.04 -12.57
CA VAL B 313 -40.22 -5.93 -13.56
C VAL B 313 -40.74 -5.09 -14.71
N LEU B 314 -40.19 -5.31 -15.90
CA LEU B 314 -40.61 -4.59 -17.11
C LEU B 314 -41.52 -5.50 -17.94
N VAL B 315 -42.81 -5.16 -17.97
CA VAL B 315 -43.78 -5.91 -18.75
C VAL B 315 -43.59 -5.57 -20.23
N GLY B 316 -43.33 -6.58 -21.05
CA GLY B 316 -43.06 -6.35 -22.45
C GLY B 316 -44.33 -6.22 -23.28
N ASP B 317 -44.21 -5.49 -24.39
CA ASP B 317 -45.37 -5.21 -25.24
C ASP B 317 -45.48 -6.29 -26.31
N ARG B 318 -46.63 -6.95 -26.36
CA ARG B 318 -46.99 -7.80 -27.48
C ARG B 318 -47.97 -7.10 -28.41
N ASN B 319 -48.07 -7.60 -29.63
CA ASN B 319 -49.02 -7.07 -30.61
C ASN B 319 -50.36 -7.76 -30.41
N ASP B 320 -51.07 -7.35 -29.36
CA ASP B 320 -52.37 -7.92 -29.03
C ASP B 320 -53.50 -6.93 -29.22
N ASN B 321 -53.31 -5.93 -30.07
CA ASN B 321 -54.31 -4.91 -30.35
C ASN B 321 -54.23 -4.57 -31.83
N ALA B 322 -55.26 -4.92 -32.59
CA ALA B 322 -55.28 -4.54 -34.00
C ALA B 322 -55.55 -3.04 -34.12
N PRO B 323 -55.01 -2.40 -35.15
CA PRO B 323 -55.37 -0.99 -35.39
C PRO B 323 -56.85 -0.84 -35.67
N ARG B 324 -57.36 0.35 -35.38
CA ARG B 324 -58.78 0.64 -35.57
C ARG B 324 -58.94 2.00 -36.22
N VAL B 325 -59.84 2.08 -37.20
CA VAL B 325 -60.04 3.29 -37.99
C VAL B 325 -61.00 4.20 -37.23
N LEU B 326 -60.61 5.47 -37.09
CA LEU B 326 -61.45 6.50 -36.47
C LEU B 326 -62.10 7.42 -37.50
N TYR B 327 -61.38 7.74 -38.57
CA TYR B 327 -61.91 8.57 -39.64
C TYR B 327 -61.41 8.05 -40.99
N PRO B 328 -62.31 7.98 -41.99
CA PRO B 328 -63.71 8.38 -41.94
C PRO B 328 -64.60 7.38 -41.21
N THR B 329 -65.81 7.81 -40.85
CA THR B 329 -66.80 6.90 -40.29
C THR B 329 -67.19 5.86 -41.35
N LEU B 330 -67.14 4.60 -40.96
CA LEU B 330 -67.40 3.51 -41.90
C LEU B 330 -68.81 2.96 -41.72
N GLU B 331 -69.43 2.59 -42.83
CA GLU B 331 -70.72 1.91 -42.82
C GLU B 331 -70.56 0.49 -42.29
N PRO B 332 -71.67 -0.21 -42.02
CA PRO B 332 -71.57 -1.62 -41.61
C PRO B 332 -70.71 -2.46 -42.54
N ASP B 333 -70.75 -2.22 -43.85
CA ASP B 333 -69.93 -2.98 -44.79
C ASP B 333 -68.48 -2.49 -44.82
N GLY B 334 -68.12 -1.51 -44.00
CA GLY B 334 -66.77 -0.98 -44.00
C GLY B 334 -66.48 0.01 -45.09
N SER B 335 -67.51 0.69 -45.61
CA SER B 335 -67.35 1.62 -46.72
C SER B 335 -67.62 3.04 -46.29
N ALA B 336 -67.03 3.98 -47.03
CA ALA B 336 -67.26 5.41 -46.85
C ALA B 336 -67.33 6.08 -48.21
N LEU B 337 -68.20 7.08 -48.33
CA LEU B 337 -68.53 7.70 -49.60
C LEU B 337 -68.02 9.14 -49.67
N PHE B 338 -67.31 9.45 -50.75
CA PHE B 338 -66.85 10.82 -51.03
C PHE B 338 -67.28 11.13 -52.47
N ASP B 339 -68.33 11.94 -52.63
CA ASP B 339 -68.99 12.07 -53.92
C ASP B 339 -68.91 13.46 -54.54
N MET B 340 -68.05 14.35 -54.03
CA MET B 340 -67.91 15.69 -54.59
C MET B 340 -66.45 15.99 -54.90
N VAL B 341 -65.85 15.13 -55.73
CA VAL B 341 -64.46 15.28 -56.15
C VAL B 341 -64.46 15.91 -57.54
N PRO B 342 -63.84 17.08 -57.71
CA PRO B 342 -63.88 17.75 -59.02
C PRO B 342 -63.02 17.03 -60.04
N ARG B 343 -63.51 16.95 -61.28
CA ARG B 343 -62.73 16.32 -62.34
C ARG B 343 -61.50 17.13 -62.69
N ALA B 344 -61.58 18.46 -62.59
CA ALA B 344 -60.45 19.33 -62.88
C ALA B 344 -59.43 19.39 -61.75
N ALA B 345 -59.49 18.46 -60.80
CA ALA B 345 -58.56 18.50 -59.67
C ALA B 345 -57.14 18.22 -60.13
N GLU B 346 -56.21 19.08 -59.72
CA GLU B 346 -54.81 18.90 -60.06
C GLU B 346 -54.22 17.75 -59.25
N PRO B 347 -53.16 17.12 -59.73
CA PRO B 347 -52.49 16.07 -58.95
C PRO B 347 -52.06 16.59 -57.59
N GLY B 348 -52.30 15.80 -56.56
CA GLY B 348 -52.06 16.21 -55.18
C GLY B 348 -53.29 16.66 -54.43
N TYR B 349 -54.45 16.67 -55.09
CA TYR B 349 -55.70 17.01 -54.42
C TYR B 349 -55.99 16.00 -53.31
N LEU B 350 -56.31 16.51 -52.12
CA LEU B 350 -56.56 15.66 -50.96
C LEU B 350 -58.04 15.26 -50.94
N VAL B 351 -58.32 14.01 -51.27
CA VAL B 351 -59.69 13.51 -51.20
C VAL B 351 -60.11 13.33 -49.74
N THR B 352 -59.29 12.62 -48.96
CA THR B 352 -59.53 12.44 -47.54
C THR B 352 -58.26 11.87 -46.93
N LYS B 353 -58.22 11.86 -45.59
CA LYS B 353 -57.15 11.24 -44.84
C LYS B 353 -57.73 10.15 -43.95
N VAL B 354 -57.13 8.96 -43.99
CA VAL B 354 -57.51 7.90 -43.07
C VAL B 354 -56.78 8.12 -41.75
N VAL B 355 -57.51 8.04 -40.64
CA VAL B 355 -56.96 8.26 -39.30
C VAL B 355 -57.23 7.02 -38.47
N ALA B 356 -56.15 6.35 -38.05
CA ALA B 356 -56.25 5.14 -37.24
C ALA B 356 -55.35 5.27 -36.01
N VAL B 357 -55.65 4.45 -35.00
CA VAL B 357 -54.87 4.39 -33.78
C VAL B 357 -54.62 2.93 -33.42
N ASP B 358 -53.66 2.73 -32.51
CA ASP B 358 -53.25 1.39 -32.09
C ASP B 358 -52.88 1.46 -30.62
N ALA B 359 -53.51 0.61 -29.80
CA ALA B 359 -53.29 0.67 -28.36
C ALA B 359 -51.91 0.19 -27.95
N ASP B 360 -51.20 -0.51 -28.83
CA ASP B 360 -49.91 -1.10 -28.49
C ASP B 360 -48.83 -0.01 -28.44
N SER B 361 -47.56 -0.41 -28.43
CA SER B 361 -46.44 0.51 -28.37
C SER B 361 -45.37 0.10 -29.38
N GLY B 362 -44.45 1.03 -29.64
CA GLY B 362 -43.35 0.75 -30.55
C GLY B 362 -43.82 0.32 -31.92
N HIS B 363 -43.08 -0.61 -32.53
CA HIS B 363 -43.47 -1.12 -33.85
C HIS B 363 -44.88 -1.70 -33.84
N ASN B 364 -45.30 -2.30 -32.73
CA ASN B 364 -46.64 -2.86 -32.65
C ASN B 364 -47.73 -1.80 -32.85
N ALA B 365 -47.38 -0.52 -32.72
CA ALA B 365 -48.32 0.56 -32.99
C ALA B 365 -47.86 1.47 -34.13
N TRP B 366 -46.82 1.10 -34.86
CA TRP B 366 -46.35 1.89 -36.00
C TRP B 366 -47.21 1.55 -37.21
N LEU B 367 -48.05 2.50 -37.63
CA LEU B 367 -49.07 2.23 -38.63
C LEU B 367 -48.58 2.58 -40.03
N SER B 368 -48.94 1.73 -40.99
CA SER B 368 -48.69 1.97 -42.40
C SER B 368 -49.97 1.68 -43.18
N TYR B 369 -50.13 2.40 -44.29
CA TYR B 369 -51.38 2.41 -45.05
C TYR B 369 -51.12 1.90 -46.46
N HIS B 370 -51.90 0.90 -46.89
CA HIS B 370 -51.67 0.24 -48.17
C HIS B 370 -52.97 0.18 -48.97
N VAL B 371 -52.82 0.20 -50.29
CA VAL B 371 -53.93 -0.03 -51.20
C VAL B 371 -53.98 -1.52 -51.50
N LEU B 372 -55.08 -2.17 -51.11
CA LEU B 372 -55.25 -3.57 -51.48
C LEU B 372 -55.92 -3.71 -52.84
N GLN B 373 -56.97 -2.94 -53.11
CA GLN B 373 -57.67 -2.98 -54.39
C GLN B 373 -57.90 -1.57 -54.89
N ALA B 374 -57.77 -1.38 -56.21
CA ALA B 374 -57.96 -0.09 -56.84
C ALA B 374 -58.69 -0.30 -58.16
N SER B 375 -59.77 0.46 -58.37
CA SER B 375 -60.48 0.37 -59.65
C SER B 375 -59.63 0.94 -60.78
N ASP B 376 -58.77 1.90 -60.48
CA ASP B 376 -57.79 2.40 -61.44
C ASP B 376 -56.48 2.59 -60.68
N PRO B 377 -55.56 1.63 -60.75
CA PRO B 377 -54.29 1.76 -60.03
C PRO B 377 -53.47 2.90 -60.60
N GLY B 378 -53.05 3.82 -59.74
CA GLY B 378 -52.28 4.97 -60.15
C GLY B 378 -53.08 6.25 -60.24
N LEU B 379 -54.41 6.16 -60.31
CA LEU B 379 -55.23 7.36 -60.28
C LEU B 379 -55.12 8.06 -58.92
N PHE B 380 -55.20 7.29 -57.85
CA PHE B 380 -55.05 7.81 -56.49
C PHE B 380 -53.80 7.24 -55.85
N SER B 381 -53.20 8.04 -54.98
CA SER B 381 -52.07 7.62 -54.16
C SER B 381 -52.49 7.64 -52.69
N LEU B 382 -51.85 6.77 -51.91
CA LEU B 382 -52.16 6.63 -50.48
C LEU B 382 -50.86 6.77 -49.70
N GLY B 383 -50.82 7.76 -48.81
CA GLY B 383 -49.63 8.00 -47.99
C GLY B 383 -49.30 6.84 -47.08
N LEU B 384 -48.13 6.24 -47.29
CA LEU B 384 -47.73 5.06 -46.52
C LEU B 384 -47.80 5.29 -45.01
N ARG B 385 -47.31 6.45 -44.56
CA ARG B 385 -47.38 6.76 -43.13
C ARG B 385 -48.46 7.77 -42.79
N THR B 386 -48.86 8.63 -43.73
CA THR B 386 -49.84 9.67 -43.41
C THR B 386 -51.28 9.21 -43.61
N GLY B 387 -51.53 8.23 -44.47
CA GLY B 387 -52.90 7.83 -44.75
C GLY B 387 -53.68 8.83 -45.57
N GLU B 388 -53.00 9.75 -46.25
CA GLU B 388 -53.67 10.74 -47.07
C GLU B 388 -53.97 10.16 -48.45
N VAL B 389 -55.21 10.32 -48.89
CA VAL B 389 -55.66 9.83 -50.19
C VAL B 389 -55.67 11.01 -51.15
N ARG B 390 -54.74 11.02 -52.10
CA ARG B 390 -54.60 12.11 -53.05
C ARG B 390 -54.76 11.59 -54.48
N THR B 391 -55.15 12.49 -55.37
CA THR B 391 -55.10 12.19 -56.80
C THR B 391 -53.65 12.22 -57.26
N ALA B 392 -53.24 11.18 -57.98
CA ALA B 392 -51.86 11.07 -58.42
C ALA B 392 -51.63 11.56 -59.83
N ARG B 393 -52.68 11.67 -60.64
CA ARG B 393 -52.56 12.15 -62.01
C ARG B 393 -53.83 12.88 -62.39
N ALA B 394 -53.71 13.76 -63.39
CA ALA B 394 -54.89 14.44 -63.90
C ALA B 394 -55.88 13.42 -64.44
N LEU B 395 -57.16 13.65 -64.17
CA LEU B 395 -58.19 12.74 -64.63
C LEU B 395 -58.35 12.84 -66.14
N GLY B 396 -58.60 11.69 -66.78
CA GLY B 396 -58.80 11.64 -68.21
C GLY B 396 -60.26 11.44 -68.59
N ASP B 397 -60.54 11.59 -69.88
CA ASP B 397 -61.90 11.42 -70.38
C ASP B 397 -62.36 9.97 -70.32
N ARG B 398 -61.43 9.01 -70.29
CA ARG B 398 -61.77 7.59 -70.35
C ARG B 398 -61.78 6.92 -68.99
N ASP B 399 -61.74 7.69 -67.91
CA ASP B 399 -61.76 7.15 -66.55
C ASP B 399 -63.17 7.25 -65.98
N SER B 400 -63.57 6.21 -65.26
CA SER B 400 -64.92 6.15 -64.70
C SER B 400 -65.10 7.21 -63.62
N ALA B 401 -66.32 7.74 -63.52
CA ALA B 401 -66.60 8.75 -62.51
C ALA B 401 -66.66 8.13 -61.11
N ARG B 402 -67.09 6.89 -61.01
CA ARG B 402 -67.12 6.16 -59.74
C ARG B 402 -65.86 5.34 -59.60
N GLN B 403 -65.13 5.54 -58.51
CA GLN B 403 -63.89 4.83 -58.22
C GLN B 403 -64.01 4.15 -56.86
N ARG B 404 -63.14 3.16 -56.63
CA ARG B 404 -63.20 2.35 -55.41
C ARG B 404 -61.80 1.97 -54.97
N LEU B 405 -61.52 2.18 -53.68
CA LEU B 405 -60.23 1.85 -53.08
C LEU B 405 -60.45 1.02 -51.84
N LEU B 406 -59.87 -0.18 -51.80
CA LEU B 406 -59.83 -1.01 -50.60
C LEU B 406 -58.47 -0.81 -49.94
N VAL B 407 -58.45 -0.10 -48.82
CA VAL B 407 -57.21 0.26 -48.15
C VAL B 407 -57.07 -0.54 -46.86
N ALA B 408 -55.82 -0.69 -46.43
CA ALA B 408 -55.49 -1.46 -45.22
C ALA B 408 -54.56 -0.65 -44.35
N VAL B 409 -54.93 -0.47 -43.09
CA VAL B 409 -54.04 0.06 -42.07
C VAL B 409 -53.41 -1.12 -41.34
N ARG B 410 -52.08 -1.23 -41.42
CA ARG B 410 -51.34 -2.32 -40.78
C ARG B 410 -50.37 -1.76 -39.76
N ASP B 411 -50.16 -2.51 -38.68
CA ASP B 411 -49.13 -2.16 -37.72
C ASP B 411 -47.81 -2.85 -38.08
N GLY B 412 -46.76 -2.51 -37.34
CA GLY B 412 -45.45 -3.08 -37.59
C GLY B 412 -45.16 -4.37 -36.85
N GLY B 413 -46.17 -5.00 -36.27
CA GLY B 413 -45.98 -6.21 -35.51
C GLY B 413 -45.70 -7.42 -36.39
N GLN B 414 -45.45 -8.54 -35.71
CA GLN B 414 -45.16 -9.79 -36.37
C GLN B 414 -45.87 -10.93 -35.65
N PRO B 415 -46.93 -11.49 -36.27
CA PRO B 415 -47.48 -11.06 -37.57
C PRO B 415 -48.31 -9.78 -37.45
N PRO B 416 -48.29 -8.94 -38.49
CA PRO B 416 -48.95 -7.65 -38.39
C PRO B 416 -50.48 -7.77 -38.41
N LEU B 417 -51.11 -7.00 -37.53
CA LEU B 417 -52.56 -6.88 -37.50
C LEU B 417 -53.00 -5.67 -38.33
N SER B 418 -54.25 -5.70 -38.78
CA SER B 418 -54.70 -4.69 -39.71
C SER B 418 -56.18 -4.37 -39.52
N ALA B 419 -56.57 -3.20 -40.03
CA ALA B 419 -57.97 -2.86 -40.25
C ALA B 419 -58.12 -2.38 -41.69
N THR B 420 -59.31 -2.58 -42.25
CA THR B 420 -59.59 -2.30 -43.64
C THR B 420 -60.73 -1.30 -43.76
N ALA B 421 -60.79 -0.62 -44.91
CA ALA B 421 -61.86 0.33 -45.18
C ALA B 421 -62.00 0.51 -46.69
N THR B 422 -63.23 0.40 -47.19
CA THR B 422 -63.49 0.62 -48.61
C THR B 422 -63.87 2.08 -48.83
N LEU B 423 -63.16 2.73 -49.74
CA LEU B 423 -63.34 4.16 -50.01
C LEU B 423 -63.95 4.32 -51.40
N HIS B 424 -65.24 4.66 -51.44
CA HIS B 424 -65.93 4.95 -52.70
C HIS B 424 -65.71 6.42 -53.03
N LEU B 425 -64.96 6.68 -54.09
CA LEU B 425 -64.62 8.04 -54.50
C LEU B 425 -65.31 8.31 -55.83
N ILE B 426 -66.22 9.30 -55.84
CA ILE B 426 -67.06 9.60 -56.99
C ILE B 426 -66.69 10.99 -57.50
N PHE B 427 -66.34 11.07 -58.78
CA PHE B 427 -65.99 12.34 -59.40
C PHE B 427 -67.25 13.10 -59.82
N ALA B 428 -67.43 14.29 -59.24
CA ALA B 428 -68.53 15.14 -59.65
C ALA B 428 -68.28 15.69 -61.05
N ASP B 429 -69.32 15.68 -61.88
CA ASP B 429 -69.24 16.29 -63.20
C ASP B 429 -69.31 17.80 -63.08
N SER B 430 -68.61 18.49 -63.98
CA SER B 430 -68.60 19.95 -64.02
C SER B 430 -70.01 20.53 -64.08
N PRO C 3 -76.01 31.01 -58.15
CA PRO C 3 -74.87 30.70 -57.29
C PRO C 3 -73.79 29.92 -58.04
N MET C 4 -72.85 30.62 -58.68
CA MET C 4 -71.87 29.98 -59.53
C MET C 4 -70.51 30.64 -59.36
N PHE C 5 -69.48 29.82 -59.22
CA PHE C 5 -68.10 30.29 -59.28
C PHE C 5 -67.61 30.31 -60.71
N SER C 6 -66.60 31.16 -60.97
CA SER C 6 -66.10 31.31 -62.34
C SER C 6 -65.54 30.01 -62.88
N GLN C 7 -64.76 29.29 -62.07
CA GLN C 7 -64.25 27.97 -62.45
C GLN C 7 -64.21 27.09 -61.22
N ASP C 8 -64.13 25.78 -61.45
CA ASP C 8 -64.24 24.82 -60.35
C ASP C 8 -62.98 24.83 -59.48
N VAL C 9 -61.80 24.86 -60.10
CA VAL C 9 -60.54 24.68 -59.37
C VAL C 9 -59.63 25.87 -59.62
N PHE C 10 -59.08 26.42 -58.54
CA PHE C 10 -58.06 27.46 -58.58
C PHE C 10 -56.74 26.90 -58.05
N SER C 11 -55.64 27.54 -58.44
CA SER C 11 -54.31 27.11 -58.04
C SER C 11 -53.47 28.31 -57.64
N VAL C 12 -52.90 28.26 -56.43
CA VAL C 12 -52.04 29.32 -55.91
C VAL C 12 -50.86 28.68 -55.20
N THR C 13 -49.73 29.40 -55.19
CA THR C 13 -48.53 28.96 -54.48
C THR C 13 -48.11 30.04 -53.49
N LEU C 14 -47.73 29.61 -52.29
CA LEU C 14 -47.34 30.52 -51.22
C LEU C 14 -45.97 30.12 -50.70
N ARG C 15 -45.06 31.10 -50.59
CA ARG C 15 -43.84 30.90 -49.84
C ARG C 15 -44.18 30.63 -48.38
N GLU C 16 -43.46 29.69 -47.75
CA GLU C 16 -43.78 29.27 -46.40
C GLU C 16 -43.50 30.35 -45.34
N ASP C 17 -42.94 31.49 -45.72
CA ASP C 17 -42.52 32.50 -44.75
C ASP C 17 -43.44 33.72 -44.70
N VAL C 18 -44.61 33.66 -45.33
CA VAL C 18 -45.51 34.83 -45.28
C VAL C 18 -46.12 34.93 -43.89
N PRO C 19 -46.27 36.13 -43.34
CA PRO C 19 -46.80 36.27 -41.98
C PRO C 19 -48.31 36.02 -41.97
N PRO C 20 -48.89 35.82 -40.79
CA PRO C 20 -50.35 35.70 -40.71
C PRO C 20 -51.04 36.95 -41.26
N GLY C 21 -52.23 36.75 -41.81
CA GLY C 21 -52.97 37.80 -42.46
C GLY C 21 -52.67 37.98 -43.94
N PHE C 22 -51.77 37.17 -44.49
CA PHE C 22 -51.42 37.29 -45.91
C PHE C 22 -52.62 36.95 -46.78
N SER C 23 -52.85 37.77 -47.80
CA SER C 23 -53.98 37.58 -48.70
C SER C 23 -53.64 36.51 -49.72
N VAL C 24 -54.36 35.39 -49.66
CA VAL C 24 -54.12 34.25 -50.53
C VAL C 24 -54.93 34.39 -51.82
N LEU C 25 -56.25 34.44 -51.69
CA LEU C 25 -57.14 34.53 -52.83
C LEU C 25 -58.49 35.01 -52.34
N GLN C 26 -59.35 35.39 -53.29
CA GLN C 26 -60.73 35.73 -53.00
C GLN C 26 -61.61 35.14 -54.10
N VAL C 27 -62.66 34.42 -53.68
CA VAL C 27 -63.57 33.76 -54.61
C VAL C 27 -64.89 34.53 -54.64
N THR C 28 -65.43 34.71 -55.84
CA THR C 28 -66.67 35.46 -56.04
C THR C 28 -67.68 34.58 -56.76
N ALA C 29 -68.91 34.54 -56.23
CA ALA C 29 -70.03 33.83 -56.84
C ALA C 29 -71.03 34.84 -57.36
N THR C 30 -71.59 34.57 -58.54
CA THR C 30 -72.41 35.53 -59.25
C THR C 30 -73.70 34.89 -59.75
N ASP C 31 -74.82 35.55 -59.49
CA ASP C 31 -76.13 35.16 -60.01
C ASP C 31 -77.18 36.19 -59.62
N GLU C 39 -75.40 38.95 -51.77
CA GLU C 39 -75.58 38.46 -50.41
C GLU C 39 -75.58 36.93 -50.38
N ILE C 40 -74.39 36.33 -50.30
CA ILE C 40 -74.23 34.88 -50.34
C ILE C 40 -73.40 34.43 -49.15
N THR C 41 -73.66 33.20 -48.71
CA THR C 41 -72.96 32.61 -47.57
C THR C 41 -71.71 31.88 -48.06
N TYR C 42 -70.54 32.28 -47.53
CA TYR C 42 -69.27 31.66 -47.85
C TYR C 42 -68.76 30.88 -46.66
N ALA C 43 -68.38 29.62 -46.87
CA ALA C 43 -67.88 28.78 -45.79
C ALA C 43 -67.06 27.65 -46.37
N PHE C 44 -66.24 27.04 -45.51
CA PHE C 44 -65.53 25.82 -45.86
C PHE C 44 -66.45 24.62 -45.66
N HIS C 45 -66.08 23.51 -46.31
CA HIS C 45 -66.78 22.25 -46.10
C HIS C 45 -65.90 21.12 -46.63
N ASN C 46 -65.92 19.99 -45.91
CA ASN C 46 -65.15 18.80 -46.28
C ASN C 46 -63.67 19.12 -46.44
N VAL C 47 -63.13 19.86 -45.47
CA VAL C 47 -61.71 20.20 -45.46
C VAL C 47 -61.05 19.52 -44.27
N ASP C 48 -59.72 19.46 -44.31
CA ASP C 48 -58.96 18.84 -43.25
C ASP C 48 -58.97 19.71 -42.00
N GLU C 49 -58.75 19.06 -40.85
CA GLU C 49 -58.77 19.78 -39.58
C GLU C 49 -57.75 20.91 -39.56
N GLN C 50 -56.58 20.69 -40.15
CA GLN C 50 -55.55 21.71 -40.15
C GLN C 50 -55.89 22.87 -41.08
N VAL C 51 -56.77 22.66 -42.05
CA VAL C 51 -57.20 23.76 -42.92
C VAL C 51 -57.92 24.83 -42.11
N GLU C 52 -58.74 24.41 -41.14
CA GLU C 52 -59.48 25.37 -40.33
C GLU C 52 -58.56 26.23 -39.48
N ARG C 53 -57.40 25.70 -39.09
CA ARG C 53 -56.50 26.42 -38.20
C ARG C 53 -55.64 27.43 -38.94
N ILE C 54 -55.36 27.19 -40.22
CA ILE C 54 -54.42 28.03 -40.95
C ILE C 54 -55.11 29.18 -41.67
N PHE C 55 -56.27 28.93 -42.27
CA PHE C 55 -56.92 29.91 -43.13
C PHE C 55 -58.22 30.40 -42.50
N ASN C 56 -58.53 31.68 -42.76
CA ASN C 56 -59.78 32.29 -42.35
C ASN C 56 -60.54 32.75 -43.58
N LEU C 57 -61.80 32.36 -43.68
CA LEU C 57 -62.66 32.69 -44.81
C LEU C 57 -63.75 33.64 -44.34
N ASP C 58 -63.85 34.79 -45.00
CA ASP C 58 -64.86 35.77 -44.63
C ASP C 58 -66.25 35.30 -45.04
N LYS C 59 -67.26 35.73 -44.27
CA LYS C 59 -68.62 35.31 -44.55
C LYS C 59 -69.18 35.99 -45.80
N ARG C 60 -68.67 37.16 -46.17
CA ARG C 60 -69.24 37.90 -47.29
C ARG C 60 -68.19 38.33 -48.31
N THR C 61 -67.00 38.67 -47.83
CA THR C 61 -65.97 39.17 -48.75
C THR C 61 -65.45 38.07 -49.66
N GLY C 62 -65.36 36.83 -49.16
CA GLY C 62 -64.69 35.79 -49.88
C GLY C 62 -63.18 35.83 -49.79
N GLU C 63 -62.63 36.79 -49.05
CA GLU C 63 -61.18 36.88 -48.86
C GLU C 63 -60.67 35.67 -48.09
N ILE C 64 -59.53 35.16 -48.52
CA ILE C 64 -58.84 34.06 -47.85
C ILE C 64 -57.52 34.60 -47.33
N THR C 65 -57.36 34.61 -46.00
CA THR C 65 -56.16 35.07 -45.36
C THR C 65 -55.57 33.96 -44.50
N THR C 66 -54.25 33.98 -44.34
CA THR C 66 -53.60 33.05 -43.43
C THR C 66 -53.78 33.53 -42.01
N LYS C 67 -54.28 32.65 -41.15
CA LYS C 67 -54.51 32.98 -39.74
C LYS C 67 -53.35 32.57 -38.84
N ASP C 68 -52.31 31.95 -39.39
CA ASP C 68 -51.19 31.48 -38.59
C ASP C 68 -49.98 31.30 -39.50
N ASN C 69 -48.85 30.90 -38.90
CA ASN C 69 -47.62 30.71 -39.65
C ASN C 69 -47.68 29.43 -40.47
N LEU C 70 -47.06 29.46 -41.65
CA LEU C 70 -46.95 28.28 -42.49
C LEU C 70 -45.66 27.52 -42.18
N ASP C 71 -45.55 26.32 -42.76
CA ASP C 71 -44.36 25.50 -42.56
C ASP C 71 -44.33 24.42 -43.63
N PHE C 72 -43.43 24.57 -44.62
CA PHE C 72 -43.31 23.57 -45.67
C PHE C 72 -42.98 22.19 -45.10
N GLU C 73 -42.16 22.16 -44.04
CA GLU C 73 -41.75 20.89 -43.45
C GLU C 73 -42.90 20.15 -42.77
N THR C 74 -43.95 20.87 -42.38
CA THR C 74 -45.12 20.25 -41.76
C THR C 74 -46.16 19.83 -42.79
N ALA C 75 -46.44 20.70 -43.76
CA ALA C 75 -47.44 20.42 -44.78
C ALA C 75 -47.09 21.16 -46.05
N LYS C 76 -47.09 20.45 -47.19
CA LYS C 76 -46.67 21.04 -48.45
C LYS C 76 -47.83 21.58 -49.27
N SER C 77 -49.07 21.20 -48.96
CA SER C 77 -50.20 21.66 -49.75
C SER C 77 -51.47 21.59 -48.91
N TYR C 78 -52.45 22.42 -49.28
CA TYR C 78 -53.73 22.48 -48.63
C TYR C 78 -54.84 22.44 -49.67
N THR C 79 -55.87 21.65 -49.40
CA THR C 79 -57.03 21.55 -50.28
C THR C 79 -58.18 22.28 -49.61
N LEU C 80 -58.62 23.37 -50.24
CA LEU C 80 -59.69 24.21 -49.72
C LEU C 80 -60.93 24.00 -50.57
N ASN C 81 -62.01 23.54 -49.94
CA ASN C 81 -63.30 23.35 -50.62
C ASN C 81 -64.27 24.38 -50.06
N VAL C 82 -64.57 25.40 -50.87
CA VAL C 82 -65.45 26.49 -50.46
C VAL C 82 -66.88 26.18 -50.88
N GLU C 83 -67.82 26.44 -49.98
CA GLU C 83 -69.24 26.27 -50.23
C GLU C 83 -69.91 27.63 -50.31
N ALA C 84 -70.82 27.79 -51.26
CA ALA C 84 -71.53 29.05 -51.44
C ALA C 84 -73.04 28.84 -51.43
N ALA C 91 -77.03 25.38 -53.56
CA ALA C 91 -75.68 25.64 -53.11
C ALA C 91 -74.66 25.40 -54.24
N SER C 92 -73.48 25.98 -54.10
CA SER C 92 -72.41 25.85 -55.07
C SER C 92 -71.09 25.56 -54.37
N HIS C 93 -70.19 24.89 -55.09
CA HIS C 93 -68.92 24.48 -54.52
C HIS C 93 -67.79 24.77 -55.50
N CYS C 94 -66.63 25.12 -54.94
CA CYS C 94 -65.39 25.23 -55.70
C CYS C 94 -64.25 24.72 -54.83
N SER C 95 -63.12 24.43 -55.47
CA SER C 95 -61.95 23.88 -54.80
C SER C 95 -60.72 24.72 -55.12
N ILE C 96 -59.86 24.92 -54.12
CA ILE C 96 -58.64 25.69 -54.26
C ILE C 96 -57.48 24.86 -53.72
N GLN C 97 -56.47 24.63 -54.55
CA GLN C 97 -55.31 23.80 -54.17
C GLN C 97 -54.14 24.72 -53.87
N VAL C 98 -53.89 24.94 -52.58
CA VAL C 98 -52.83 25.83 -52.11
C VAL C 98 -51.53 25.03 -52.04
N LYS C 99 -50.53 25.46 -52.81
CA LYS C 99 -49.21 24.85 -52.74
C LYS C 99 -48.28 25.72 -51.91
N ILE C 100 -47.27 25.08 -51.31
CA ILE C 100 -46.30 25.75 -50.45
C ILE C 100 -44.92 25.55 -51.07
N LEU C 101 -44.12 26.62 -51.08
CA LEU C 101 -42.77 26.58 -51.59
C LEU C 101 -41.78 26.49 -50.43
N ASP C 102 -40.81 25.60 -50.56
CA ASP C 102 -39.80 25.45 -49.52
C ASP C 102 -38.88 26.67 -49.50
N GLU C 103 -38.61 27.17 -48.30
CA GLU C 103 -37.60 28.19 -48.07
C GLU C 103 -36.57 27.64 -47.11
N ASN C 104 -35.40 28.29 -47.07
CA ASN C 104 -34.28 27.81 -46.26
C ASN C 104 -34.41 28.39 -44.85
N ASP C 105 -35.15 27.69 -44.00
CA ASP C 105 -35.40 28.15 -42.65
C ASP C 105 -35.04 27.12 -41.58
N CYS C 106 -34.33 26.06 -41.95
CA CYS C 106 -33.88 25.05 -41.01
C CYS C 106 -32.36 24.96 -41.07
N VAL C 107 -31.71 25.17 -39.93
CA VAL C 107 -30.26 25.16 -39.81
C VAL C 107 -29.77 23.74 -40.02
N PRO C 108 -28.60 23.55 -40.64
CA PRO C 108 -28.01 22.20 -40.71
C PRO C 108 -27.55 21.74 -39.33
N GLU C 109 -27.58 20.43 -39.14
CA GLU C 109 -27.27 19.80 -37.87
C GLU C 109 -26.11 18.84 -38.05
N VAL C 110 -25.14 18.88 -37.13
CA VAL C 110 -23.92 18.07 -37.22
C VAL C 110 -23.91 17.06 -36.09
N ILE C 111 -23.75 15.79 -36.44
CA ILE C 111 -23.80 14.67 -35.48
C ILE C 111 -22.43 14.03 -35.47
N VAL C 112 -21.72 14.15 -34.34
CA VAL C 112 -20.37 13.64 -34.17
C VAL C 112 -20.40 12.43 -33.25
N THR C 113 -19.81 11.32 -33.71
CA THR C 113 -19.72 10.12 -32.89
C THR C 113 -18.32 9.50 -33.02
N SER C 114 -18.07 8.51 -32.16
CA SER C 114 -16.85 7.70 -32.19
C SER C 114 -15.58 8.54 -32.15
N VAL C 115 -15.54 9.49 -31.21
CA VAL C 115 -14.35 10.32 -31.07
C VAL C 115 -13.24 9.52 -30.40
N PHE C 116 -12.08 9.46 -31.05
CA PHE C 116 -10.90 8.76 -30.54
C PHE C 116 -10.40 9.48 -29.29
N THR C 117 -10.74 8.96 -28.12
CA THR C 117 -10.45 9.66 -26.87
C THR C 117 -9.82 8.75 -25.80
N PRO C 118 -8.54 8.98 -25.48
CA PRO C 118 -7.65 10.01 -26.05
C PRO C 118 -7.07 9.57 -27.38
N LEU C 119 -6.40 10.50 -28.08
CA LEU C 119 -5.80 10.20 -29.36
C LEU C 119 -4.29 10.01 -29.18
N PRO C 120 -3.75 8.81 -29.42
CA PRO C 120 -2.31 8.59 -29.23
C PRO C 120 -1.49 9.46 -30.16
N GLU C 121 -0.44 10.08 -29.60
CA GLU C 121 0.37 11.02 -30.37
C GLU C 121 1.11 10.36 -31.53
N ASP C 122 1.18 9.03 -31.57
CA ASP C 122 1.85 8.33 -32.65
C ASP C 122 0.88 7.79 -33.69
N SER C 123 -0.37 8.22 -33.65
CA SER C 123 -1.35 7.77 -34.63
C SER C 123 -0.83 8.03 -36.04
N PRO C 124 -0.80 7.03 -36.91
CA PRO C 124 -0.33 7.25 -38.29
C PRO C 124 -1.22 8.23 -39.04
N LEU C 125 -0.68 8.76 -40.13
CA LEU C 125 -1.41 9.68 -40.97
C LEU C 125 -2.64 8.99 -41.56
N GLY C 126 -3.80 9.64 -41.45
CA GLY C 126 -5.03 9.06 -41.91
C GLY C 126 -5.81 8.29 -40.87
N THR C 127 -5.40 8.34 -39.61
CA THR C 127 -6.18 7.74 -38.53
C THR C 127 -7.50 8.47 -38.39
N VAL C 128 -8.61 7.75 -38.39
CA VAL C 128 -9.92 8.39 -38.33
C VAL C 128 -10.26 8.70 -36.87
N ILE C 129 -10.51 9.97 -36.59
CA ILE C 129 -10.66 10.47 -35.23
C ILE C 129 -12.11 10.48 -34.80
N ALA C 130 -13.03 10.77 -35.73
CA ALA C 130 -14.43 10.86 -35.42
C ALA C 130 -15.24 10.60 -36.68
N LEU C 131 -16.49 10.18 -36.48
CA LEU C 131 -17.46 10.02 -37.55
C LEU C 131 -18.48 11.15 -37.48
N ILE C 132 -18.80 11.72 -38.63
CA ILE C 132 -19.65 12.91 -38.71
C ILE C 132 -20.78 12.66 -39.69
N LYS C 133 -22.00 12.98 -39.28
CA LYS C 133 -23.18 12.90 -40.13
C LYS C 133 -23.92 14.24 -40.06
N THR C 134 -24.52 14.63 -41.18
CA THR C 134 -25.28 15.88 -41.24
C THR C 134 -26.75 15.60 -41.53
N ARG C 135 -27.62 16.42 -40.93
CA ARG C 135 -29.04 16.42 -41.21
C ARG C 135 -29.46 17.84 -41.57
N ASP C 136 -30.53 17.94 -42.35
CA ASP C 136 -31.11 19.25 -42.69
C ASP C 136 -32.58 19.02 -43.05
N ARG C 137 -33.47 19.65 -42.29
CA ARG C 137 -34.91 19.42 -42.47
C ARG C 137 -35.39 19.88 -43.83
N ASP C 138 -34.72 20.85 -44.44
CA ASP C 138 -35.20 21.44 -45.69
C ASP C 138 -35.04 20.46 -46.86
N SER C 139 -35.36 20.94 -48.06
CA SER C 139 -35.35 20.12 -49.26
C SER C 139 -34.49 20.78 -50.34
N GLY C 140 -34.10 19.97 -51.31
CA GLY C 140 -33.36 20.48 -52.47
C GLY C 140 -32.02 21.06 -52.08
N GLU C 141 -31.71 22.22 -52.65
CA GLU C 141 -30.47 22.91 -52.32
C GLU C 141 -30.46 23.35 -50.86
N ASN C 142 -31.62 23.70 -50.32
CA ASN C 142 -31.69 24.14 -48.93
C ASN C 142 -31.35 23.02 -47.94
N GLY C 143 -31.37 21.77 -48.39
CA GLY C 143 -31.03 20.64 -47.53
C GLY C 143 -29.70 20.01 -47.87
N ASP C 144 -29.02 20.54 -48.89
CA ASP C 144 -27.72 20.01 -49.30
C ASP C 144 -26.64 20.63 -48.42
N VAL C 145 -26.02 19.82 -47.56
CA VAL C 145 -25.08 20.28 -46.55
C VAL C 145 -23.67 19.84 -46.92
N TYR C 146 -22.70 20.71 -46.66
CA TYR C 146 -21.29 20.39 -46.85
C TYR C 146 -20.49 20.91 -45.66
N CYS C 147 -19.49 20.13 -45.26
CA CYS C 147 -18.72 20.41 -44.05
C CYS C 147 -17.26 20.70 -44.37
N HIS C 148 -16.65 21.51 -43.50
CA HIS C 148 -15.22 21.78 -43.57
C HIS C 148 -14.71 21.99 -42.15
N VAL C 149 -13.41 21.78 -41.99
CA VAL C 149 -12.73 22.02 -40.72
C VAL C 149 -12.18 23.43 -40.72
N LEU C 150 -12.47 24.18 -39.65
CA LEU C 150 -11.87 25.50 -39.48
C LEU C 150 -10.45 25.34 -38.93
N GLY C 151 -9.50 26.00 -39.57
CA GLY C 151 -8.11 25.98 -39.15
C GLY C 151 -7.29 24.94 -39.90
N ASN C 152 -5.99 24.99 -39.66
CA ASN C 152 -5.03 24.10 -40.30
C ASN C 152 -4.10 23.50 -39.23
N GLU C 153 -4.69 22.73 -38.33
CA GLU C 153 -3.95 22.12 -37.23
C GLU C 153 -3.62 20.66 -37.47
N GLY C 154 -3.97 20.11 -38.62
CA GLY C 154 -3.64 18.73 -38.94
C GLY C 154 -4.81 17.78 -38.94
N PHE C 155 -6.01 18.30 -39.23
CA PHE C 155 -7.22 17.48 -39.29
C PHE C 155 -8.06 17.91 -40.48
N VAL C 156 -8.43 16.94 -41.33
CA VAL C 156 -9.28 17.20 -42.48
C VAL C 156 -10.40 16.17 -42.51
N LEU C 157 -11.41 16.45 -43.33
CA LEU C 157 -12.58 15.60 -43.49
C LEU C 157 -12.52 14.83 -44.80
N LYS C 158 -12.85 13.54 -44.74
CA LYS C 158 -12.95 12.71 -45.92
C LYS C 158 -14.39 12.21 -46.05
N SER C 159 -14.93 12.28 -47.26
CA SER C 159 -16.33 11.97 -47.50
C SER C 159 -16.46 10.54 -47.99
N SER C 160 -17.02 9.66 -47.15
CA SER C 160 -17.26 8.28 -47.54
C SER C 160 -18.49 8.16 -48.44
N SER C 161 -19.59 8.77 -48.03
CA SER C 161 -20.81 8.80 -48.83
C SER C 161 -21.54 10.10 -48.52
N LYS C 162 -22.72 10.26 -49.14
CA LYS C 162 -23.48 11.50 -49.03
C LYS C 162 -23.88 11.76 -47.58
N ASN C 163 -23.47 12.91 -47.05
CA ASN C 163 -23.73 13.39 -45.69
C ASN C 163 -22.93 12.66 -44.63
N TYR C 164 -21.97 11.82 -45.01
CA TYR C 164 -21.12 11.12 -44.05
C TYR C 164 -19.67 11.51 -44.26
N TYR C 165 -19.03 11.96 -43.18
CA TYR C 165 -17.63 12.36 -43.20
C TYR C 165 -16.84 11.55 -42.18
N LYS C 166 -15.55 11.40 -42.46
CA LYS C 166 -14.58 10.87 -41.49
C LYS C 166 -13.56 11.95 -41.21
N LEU C 167 -13.43 12.32 -39.93
CA LEU C 167 -12.40 13.27 -39.50
C LEU C 167 -11.10 12.51 -39.26
N VAL C 168 -10.06 12.82 -40.04
CA VAL C 168 -8.81 12.08 -39.98
C VAL C 168 -7.63 13.06 -39.79
N THR C 169 -6.54 12.51 -39.26
CA THR C 169 -5.28 13.25 -39.21
C THR C 169 -4.63 13.29 -40.58
N ASP C 170 -4.00 14.41 -40.89
CA ASP C 170 -3.13 14.51 -42.06
C ASP C 170 -1.77 15.10 -41.67
N ARG C 171 -1.37 14.88 -40.42
CA ARG C 171 -0.15 15.45 -39.86
C ARG C 171 0.24 14.63 -38.63
N THR C 172 1.53 14.46 -38.43
CA THR C 172 2.01 13.74 -37.25
C THR C 172 1.76 14.57 -36.00
N LEU C 173 1.27 13.90 -34.96
CA LEU C 173 0.97 14.56 -33.70
C LEU C 173 2.18 14.53 -32.77
N ASP C 174 2.12 15.33 -31.71
CA ASP C 174 3.22 15.42 -30.74
C ASP C 174 2.66 16.02 -29.45
N ARG C 175 2.41 15.15 -28.46
CA ARG C 175 1.86 15.61 -27.19
C ARG C 175 2.77 16.63 -26.53
N GLU C 176 4.08 16.44 -26.65
CA GLU C 176 5.02 17.36 -26.03
C GLU C 176 4.92 18.76 -26.60
N ALA C 177 4.40 18.91 -27.82
CA ALA C 177 4.21 20.23 -28.43
C ALA C 177 2.80 20.76 -28.20
N ILE C 178 1.78 19.96 -28.49
CA ILE C 178 0.39 20.36 -28.33
C ILE C 178 -0.40 19.22 -27.71
N PRO C 179 -0.77 19.31 -26.42
CA PRO C 179 -1.46 18.19 -25.76
C PRO C 179 -2.96 18.15 -26.01
N GLU C 180 -3.57 19.31 -26.29
CA GLU C 180 -5.02 19.40 -26.47
C GLU C 180 -5.35 20.11 -27.78
N TYR C 181 -6.48 19.73 -28.36
CA TYR C 181 -6.99 20.38 -29.56
C TYR C 181 -8.48 20.65 -29.42
N ASN C 182 -8.90 21.82 -29.88
CA ASN C 182 -10.31 22.15 -30.06
C ASN C 182 -10.56 22.29 -31.56
N VAL C 183 -11.27 21.33 -32.13
CA VAL C 183 -11.48 21.25 -33.58
C VAL C 183 -12.90 21.69 -33.88
N THR C 184 -13.04 22.82 -34.56
CA THR C 184 -14.34 23.37 -34.92
C THR C 184 -14.73 22.87 -36.32
N ILE C 185 -15.85 22.17 -36.41
CA ILE C 185 -16.39 21.68 -37.67
C ILE C 185 -17.63 22.50 -38.02
N VAL C 186 -17.64 23.08 -39.22
CA VAL C 186 -18.72 23.94 -39.67
C VAL C 186 -19.48 23.23 -40.79
N ALA C 187 -20.80 23.28 -40.73
CA ALA C 187 -21.68 22.72 -41.75
C ALA C 187 -22.62 23.80 -42.26
N ALA C 188 -22.68 23.95 -43.59
CA ALA C 188 -23.52 24.95 -44.21
C ALA C 188 -24.36 24.29 -45.31
N ASP C 189 -25.56 24.84 -45.52
CA ASP C 189 -26.41 24.34 -46.59
C ASP C 189 -26.18 25.12 -47.88
N ARG C 190 -26.83 24.67 -48.94
CA ARG C 190 -26.75 25.32 -50.25
C ARG C 190 -27.96 26.20 -50.53
N GLY C 191 -28.68 26.61 -49.49
CA GLY C 191 -29.80 27.52 -49.66
C GLY C 191 -29.35 28.96 -49.81
N LYS C 192 -30.30 29.80 -50.19
CA LYS C 192 -30.03 31.22 -50.36
C LYS C 192 -31.07 32.07 -49.64
N PRO C 193 -30.64 32.75 -48.56
CA PRO C 193 -29.27 32.77 -48.02
C PRO C 193 -28.93 31.48 -47.27
N PRO C 194 -27.65 31.12 -47.23
CA PRO C 194 -27.26 29.86 -46.59
C PRO C 194 -27.34 29.93 -45.07
N LEU C 195 -27.64 28.77 -44.47
CA LEU C 195 -27.63 28.61 -43.03
C LEU C 195 -26.50 27.66 -42.63
N SER C 196 -25.91 27.92 -41.47
CA SER C 196 -24.78 27.10 -41.02
C SER C 196 -24.76 26.98 -39.51
N SER C 197 -24.10 25.92 -39.05
CA SER C 197 -23.89 25.68 -37.63
C SER C 197 -22.54 24.99 -37.46
N ASN C 198 -22.07 24.92 -36.22
CA ASN C 198 -20.75 24.37 -35.96
C ASN C 198 -20.76 23.49 -34.72
N VAL C 199 -19.83 22.54 -34.69
CA VAL C 199 -19.62 21.66 -33.55
C VAL C 199 -18.13 21.69 -33.23
N ILE C 200 -17.81 21.76 -31.94
CA ILE C 200 -16.42 21.80 -31.47
C ILE C 200 -16.09 20.46 -30.83
N ILE C 201 -15.07 19.79 -31.36
CA ILE C 201 -14.57 18.53 -30.81
C ILE C 201 -13.29 18.81 -30.05
N THR C 202 -13.25 18.41 -28.79
CA THR C 202 -12.04 18.50 -27.98
C THR C 202 -11.26 17.20 -28.08
N LEU C 203 -9.98 17.31 -28.41
CA LEU C 203 -9.10 16.16 -28.55
C LEU C 203 -8.02 16.17 -27.48
N HIS C 204 -7.79 15.01 -26.87
CA HIS C 204 -6.76 14.84 -25.85
C HIS C 204 -5.68 13.93 -26.42
N ILE C 205 -4.49 14.48 -26.61
CA ILE C 205 -3.36 13.70 -27.11
C ILE C 205 -2.74 12.95 -25.95
N SER C 206 -2.67 11.62 -26.07
CA SER C 206 -2.07 10.80 -25.02
C SER C 206 -0.60 10.53 -25.33
N ASP C 207 0.15 10.18 -24.29
CA ASP C 207 1.60 10.12 -24.37
C ASP C 207 2.10 8.78 -24.88
N VAL C 208 3.14 8.84 -25.70
CA VAL C 208 3.93 7.67 -26.10
C VAL C 208 5.37 7.91 -25.65
N ASN C 209 6.09 6.83 -25.37
CA ASN C 209 7.50 6.92 -25.00
C ASN C 209 8.32 7.15 -26.25
N ASP C 210 8.45 8.41 -26.66
CA ASP C 210 9.19 8.75 -27.87
C ASP C 210 10.29 9.77 -27.62
N ASN C 211 10.68 9.97 -26.36
CA ASN C 211 11.76 10.89 -26.01
C ASN C 211 12.78 10.15 -25.15
N ALA C 212 14.04 10.23 -25.54
CA ALA C 212 15.07 9.62 -24.72
C ALA C 212 15.49 10.58 -23.61
N PRO C 213 15.90 10.05 -22.46
CA PRO C 213 16.52 10.92 -21.44
C PRO C 213 17.71 11.66 -22.01
N VAL C 214 17.92 12.88 -21.53
CA VAL C 214 19.04 13.72 -21.96
C VAL C 214 19.70 14.29 -20.71
N PHE C 215 21.00 14.03 -20.56
CA PHE C 215 21.72 14.53 -19.40
C PHE C 215 21.89 16.04 -19.47
N HIS C 216 21.93 16.66 -18.30
CA HIS C 216 22.05 18.11 -18.20
C HIS C 216 23.44 18.62 -18.59
N GLN C 217 24.43 17.73 -18.67
CA GLN C 217 25.76 18.10 -19.15
C GLN C 217 26.20 17.11 -20.22
N ALA C 218 26.91 17.62 -21.23
CA ALA C 218 27.50 16.75 -22.24
C ALA C 218 28.46 15.74 -21.63
N SER C 219 29.15 16.12 -20.56
CA SER C 219 30.08 15.26 -19.84
C SER C 219 30.30 15.87 -18.47
N TYR C 220 30.87 15.06 -17.57
CA TYR C 220 31.06 15.44 -16.18
C TYR C 220 32.53 15.35 -15.80
N LEU C 221 33.05 16.42 -15.20
CA LEU C 221 34.37 16.43 -14.58
C LEU C 221 34.20 16.71 -13.10
N VAL C 222 34.79 15.86 -12.25
CA VAL C 222 34.51 15.87 -10.83
C VAL C 222 35.82 15.82 -10.06
N HIS C 223 35.96 16.70 -9.07
CA HIS C 223 37.11 16.73 -8.17
C HIS C 223 36.71 16.15 -6.82
N VAL C 224 37.52 15.22 -6.33
CA VAL C 224 37.35 14.65 -5.00
C VAL C 224 38.70 14.69 -4.30
N ALA C 225 38.78 15.43 -3.20
CA ALA C 225 39.99 15.43 -2.40
C ALA C 225 40.19 14.04 -1.79
N GLU C 226 41.43 13.57 -1.82
CA GLU C 226 41.72 12.21 -1.37
C GLU C 226 41.45 12.07 0.12
N ASN C 227 41.48 10.83 0.59
CA ASN C 227 41.22 10.50 2.00
C ASN C 227 39.83 10.94 2.42
N ASN C 228 38.92 11.01 1.46
CA ASN C 228 37.51 11.20 1.74
C ASN C 228 36.96 9.99 2.50
N PRO C 229 35.99 10.21 3.38
CA PRO C 229 35.31 9.08 4.01
C PRO C 229 34.62 8.24 2.95
N PRO C 230 34.61 6.92 3.10
CA PRO C 230 33.80 6.10 2.19
C PRO C 230 32.32 6.46 2.31
N GLY C 231 31.63 6.44 1.19
CA GLY C 231 30.23 6.85 1.18
C GLY C 231 30.01 8.34 1.06
N THR C 232 30.98 9.08 0.51
CA THR C 232 30.86 10.52 0.36
C THR C 232 30.23 10.83 -0.99
N SER C 233 29.14 11.58 -0.98
CA SER C 233 28.57 12.11 -2.22
C SER C 233 29.59 13.01 -2.90
N ILE C 234 29.99 12.66 -4.11
CA ILE C 234 31.00 13.42 -4.84
C ILE C 234 30.42 14.14 -6.06
N ALA C 235 29.23 13.79 -6.51
CA ALA C 235 28.64 14.40 -7.69
C ALA C 235 27.17 13.99 -7.78
N GLN C 236 26.46 14.61 -8.71
CA GLN C 236 25.09 14.21 -8.99
C GLN C 236 24.80 14.46 -10.46
N VAL C 237 24.59 13.39 -11.21
CA VAL C 237 24.15 13.50 -12.60
C VAL C 237 22.64 13.66 -12.62
N SER C 238 22.13 14.29 -13.67
CA SER C 238 20.71 14.51 -13.82
C SER C 238 20.35 14.53 -15.29
N ALA C 239 19.25 13.85 -15.64
CA ALA C 239 18.71 13.86 -16.99
C ALA C 239 17.24 14.21 -16.93
N SER C 240 16.73 14.78 -18.03
CA SER C 240 15.33 15.17 -18.13
C SER C 240 14.64 14.34 -19.20
N ASP C 241 13.32 14.18 -19.04
CA ASP C 241 12.51 13.39 -19.96
C ASP C 241 11.10 13.97 -20.06
N PRO C 242 10.76 14.60 -21.19
CA PRO C 242 9.45 15.26 -21.29
C PRO C 242 8.26 14.31 -21.32
N ASP C 243 8.48 13.02 -21.52
CA ASP C 243 7.37 12.08 -21.55
C ASP C 243 6.74 11.95 -20.16
N LEU C 244 5.53 11.40 -20.12
CA LEU C 244 4.72 11.35 -18.92
C LEU C 244 4.84 9.99 -18.22
N GLY C 245 4.62 10.01 -16.91
CA GLY C 245 4.52 8.78 -16.13
C GLY C 245 5.77 7.94 -16.26
N SER C 246 5.56 6.63 -16.47
CA SER C 246 6.69 5.71 -16.60
C SER C 246 7.56 6.06 -17.81
N ASN C 247 6.99 6.69 -18.83
CA ASN C 247 7.78 7.07 -19.99
C ASN C 247 8.79 8.18 -19.68
N GLY C 248 8.62 8.87 -18.55
CA GLY C 248 9.53 9.93 -18.19
C GLY C 248 10.18 9.73 -16.83
N LEU C 249 10.06 8.53 -16.28
CA LEU C 249 10.67 8.16 -15.01
C LEU C 249 12.05 7.56 -15.30
N ILE C 250 13.09 8.15 -14.70
CA ILE C 250 14.48 7.89 -15.09
C ILE C 250 15.20 7.11 -13.99
N SER C 251 15.98 6.12 -14.39
CA SER C 251 16.89 5.39 -13.50
C SER C 251 18.33 5.62 -13.97
N TYR C 252 19.21 5.90 -13.02
CA TYR C 252 20.63 6.09 -13.29
C TYR C 252 21.42 4.85 -12.91
N SER C 253 22.44 4.54 -13.70
CA SER C 253 23.30 3.40 -13.43
C SER C 253 24.70 3.68 -13.98
N ILE C 254 25.65 2.82 -13.60
CA ILE C 254 27.03 2.85 -14.09
C ILE C 254 27.24 1.64 -14.99
N ILE C 255 27.81 1.86 -16.17
CA ILE C 255 27.90 0.77 -17.14
C ILE C 255 29.34 0.45 -17.52
N ALA C 256 30.25 1.42 -17.39
CA ALA C 256 31.63 1.17 -17.78
C ALA C 256 32.58 2.07 -17.02
N SER C 257 33.85 1.67 -17.01
CA SER C 257 34.92 2.44 -16.37
C SER C 257 36.26 1.87 -16.82
N ASP C 258 37.28 2.73 -16.83
CA ASP C 258 38.63 2.26 -17.12
C ASP C 258 39.23 1.48 -15.96
N LEU C 259 38.54 1.40 -14.82
CA LEU C 259 38.98 0.58 -13.71
C LEU C 259 38.81 -0.90 -14.04
N GLU C 260 39.24 -1.75 -13.12
CA GLU C 260 39.00 -3.18 -13.25
C GLU C 260 37.51 -3.46 -13.02
N PRO C 261 36.87 -4.24 -13.90
CA PRO C 261 35.41 -4.43 -13.75
C PRO C 261 35.01 -5.03 -12.42
N ARG C 262 35.81 -5.95 -11.87
CA ARG C 262 35.47 -6.54 -10.59
C ARG C 262 35.64 -5.57 -9.43
N ALA C 263 36.40 -4.50 -9.61
CA ALA C 263 36.67 -3.53 -8.56
C ALA C 263 35.85 -2.24 -8.71
N LEU C 264 34.98 -2.16 -9.71
CA LEU C 264 34.25 -0.91 -9.97
C LEU C 264 33.34 -0.55 -8.80
N SER C 265 32.53 -1.51 -8.35
CA SER C 265 31.65 -1.26 -7.21
C SER C 265 32.41 -0.88 -5.95
N SER C 266 33.69 -1.26 -5.85
CA SER C 266 34.51 -0.90 -4.71
C SER C 266 34.93 0.56 -4.72
N PHE C 267 34.74 1.27 -5.83
CA PHE C 267 35.15 2.66 -5.96
C PHE C 267 33.98 3.62 -5.94
N VAL C 268 33.01 3.44 -6.83
CA VAL C 268 31.93 4.40 -7.02
C VAL C 268 30.63 3.67 -7.28
N SER C 269 29.52 4.32 -6.90
CA SER C 269 28.19 3.87 -7.24
C SER C 269 27.32 5.09 -7.50
N VAL C 270 26.16 4.87 -8.11
CA VAL C 270 25.14 5.90 -8.26
C VAL C 270 23.85 5.40 -7.64
N ASN C 271 23.18 6.27 -6.91
CA ASN C 271 21.81 5.99 -6.49
C ASN C 271 20.92 6.02 -7.72
N GLN C 272 20.12 4.98 -7.92
CA GLN C 272 19.39 4.81 -9.17
C GLN C 272 18.24 5.79 -9.34
N ASP C 273 17.80 6.44 -8.27
CA ASP C 273 16.68 7.38 -8.35
C ASP C 273 17.13 8.83 -8.29
N SER C 274 18.12 9.17 -7.47
CA SER C 274 18.58 10.53 -7.34
C SER C 274 19.73 10.88 -8.28
N GLY C 275 20.49 9.89 -8.75
CA GLY C 275 21.64 10.18 -9.57
C GLY C 275 22.83 10.71 -8.82
N VAL C 276 22.82 10.65 -7.49
CA VAL C 276 23.99 11.01 -6.70
C VAL C 276 25.07 9.95 -6.89
N VAL C 277 26.31 10.39 -7.02
CA VAL C 277 27.46 9.51 -7.20
C VAL C 277 28.24 9.47 -5.91
N PHE C 278 28.32 8.28 -5.30
CA PHE C 278 29.03 8.10 -4.05
C PHE C 278 30.41 7.50 -4.30
N ALA C 279 31.38 7.94 -3.50
CA ALA C 279 32.69 7.30 -3.44
C ALA C 279 32.62 6.15 -2.43
N GLN C 280 32.85 4.93 -2.88
CA GLN C 280 32.70 3.74 -2.06
C GLN C 280 33.94 3.43 -1.24
N ARG C 281 35.01 4.21 -1.38
CA ARG C 281 36.25 3.96 -0.66
C ARG C 281 36.99 5.27 -0.52
N ALA C 282 37.91 5.31 0.45
CA ALA C 282 38.81 6.43 0.60
C ALA C 282 39.79 6.46 -0.56
N PHE C 283 39.79 7.54 -1.33
CA PHE C 283 40.72 7.67 -2.43
C PHE C 283 42.10 8.05 -1.92
N ASP C 284 43.13 7.55 -2.60
CA ASP C 284 44.53 7.81 -2.27
C ASP C 284 45.19 8.37 -3.53
N HIS C 285 45.47 9.67 -3.54
CA HIS C 285 46.04 10.30 -4.72
C HIS C 285 47.33 9.63 -5.15
N GLU C 286 48.09 9.09 -4.19
CA GLU C 286 49.37 8.49 -4.50
C GLU C 286 49.22 7.17 -5.27
N GLN C 287 48.09 6.48 -5.09
CA GLN C 287 47.86 5.24 -5.82
C GLN C 287 47.22 5.49 -7.18
N LEU C 288 46.18 6.31 -7.24
CA LEU C 288 45.47 6.60 -8.48
C LEU C 288 45.12 8.07 -8.54
N ARG C 289 45.51 8.74 -9.62
CA ARG C 289 45.25 10.17 -9.76
C ARG C 289 43.82 10.44 -10.24
N SER C 290 43.31 9.61 -11.15
CA SER C 290 42.01 9.84 -11.75
C SER C 290 41.50 8.54 -12.34
N PHE C 291 40.21 8.53 -12.66
CA PHE C 291 39.60 7.40 -13.35
C PHE C 291 38.38 7.88 -14.14
N GLN C 292 38.00 7.11 -15.14
CA GLN C 292 36.93 7.46 -16.07
C GLN C 292 35.71 6.57 -15.83
N LEU C 293 34.53 7.11 -16.13
CA LEU C 293 33.27 6.50 -15.74
C LEU C 293 32.22 6.82 -16.79
N THR C 294 31.39 5.82 -17.13
CA THR C 294 30.29 5.99 -18.08
C THR C 294 28.97 5.72 -17.37
N LEU C 295 28.15 6.75 -17.24
CA LEU C 295 26.83 6.68 -16.64
C LEU C 295 25.77 6.50 -17.72
N GLN C 296 24.63 5.94 -17.33
CA GLN C 296 23.51 5.75 -18.23
C GLN C 296 22.21 6.16 -17.55
N ALA C 297 21.41 6.95 -18.27
CA ALA C 297 20.04 7.26 -17.86
C ALA C 297 19.08 6.42 -18.69
N ARG C 298 18.03 5.93 -18.04
CA ARG C 298 17.11 4.98 -18.67
C ARG C 298 15.69 5.27 -18.21
N ASP C 299 14.77 5.48 -19.15
CA ASP C 299 13.39 5.68 -18.74
C ASP C 299 12.70 4.33 -18.53
N HIS C 300 11.43 4.38 -18.14
CA HIS C 300 10.69 3.14 -17.86
C HIS C 300 9.50 2.97 -18.80
N GLY C 301 9.72 3.21 -20.08
CA GLY C 301 8.71 2.96 -21.10
C GLY C 301 8.95 1.64 -21.81
N SER C 302 8.04 1.34 -22.73
CA SER C 302 8.16 0.14 -23.55
C SER C 302 8.07 0.50 -25.03
N PRO C 303 9.21 0.39 -25.75
CA PRO C 303 10.50 -0.01 -25.19
C PRO C 303 11.19 1.15 -24.45
N THR C 304 12.22 0.83 -23.67
CA THR C 304 12.96 1.86 -22.93
C THR C 304 13.87 2.64 -23.86
N LEU C 305 14.05 3.91 -23.53
CA LEU C 305 15.03 4.77 -24.19
C LEU C 305 16.11 5.17 -23.19
N SER C 306 17.31 5.42 -23.70
CA SER C 306 18.44 5.62 -22.81
C SER C 306 19.42 6.63 -23.39
N ALA C 307 20.24 7.19 -22.50
CA ALA C 307 21.37 8.01 -22.89
C ALA C 307 22.56 7.66 -22.01
N ASN C 308 23.75 7.77 -22.60
CA ASN C 308 25.00 7.53 -21.91
C ASN C 308 25.77 8.84 -21.77
N VAL C 309 26.53 8.96 -20.68
CA VAL C 309 27.33 10.15 -20.43
C VAL C 309 28.62 9.74 -19.75
N SER C 310 29.69 10.50 -20.02
CA SER C 310 31.02 10.20 -19.51
C SER C 310 31.35 11.10 -18.34
N MET C 311 31.81 10.50 -17.24
CA MET C 311 32.27 11.22 -16.07
C MET C 311 33.73 10.91 -15.82
N ARG C 312 34.54 11.95 -15.62
CA ARG C 312 35.94 11.80 -15.21
C ARG C 312 36.10 12.35 -13.81
N VAL C 313 36.71 11.55 -12.94
CA VAL C 313 36.89 11.90 -11.53
C VAL C 313 38.37 12.16 -11.29
N LEU C 314 38.68 13.29 -10.68
CA LEU C 314 40.05 13.71 -10.40
C LEU C 314 40.27 13.65 -8.90
N VAL C 315 41.18 12.77 -8.47
CA VAL C 315 41.50 12.60 -7.06
C VAL C 315 42.48 13.68 -6.64
N GLY C 316 42.06 14.53 -5.71
CA GLY C 316 42.86 15.69 -5.33
C GLY C 316 43.96 15.32 -4.34
N ASP C 317 45.15 15.84 -4.59
CA ASP C 317 46.29 15.60 -3.73
C ASP C 317 46.15 16.41 -2.45
N ARG C 318 46.25 15.74 -1.31
CA ARG C 318 46.41 16.40 -0.03
C ARG C 318 47.83 16.19 0.48
N ASN C 319 48.18 16.91 1.55
CA ASN C 319 49.51 16.81 2.13
C ASN C 319 49.50 15.80 3.27
N ASP C 320 49.30 14.53 2.90
CA ASP C 320 49.23 13.45 3.87
C ASP C 320 50.52 12.61 3.90
N ASN C 321 51.63 13.14 3.40
CA ASN C 321 52.92 12.47 3.45
C ASN C 321 53.98 13.48 3.83
N ALA C 322 54.63 13.28 4.98
CA ALA C 322 55.74 14.12 5.39
C ALA C 322 57.01 13.78 4.62
N PRO C 323 57.86 14.77 4.35
CA PRO C 323 59.14 14.46 3.72
C PRO C 323 59.98 13.57 4.63
N ARG C 324 60.83 12.76 4.00
CA ARG C 324 61.69 11.85 4.73
C ARG C 324 63.12 11.95 4.21
N VAL C 325 64.07 12.10 5.12
CA VAL C 325 65.47 12.21 4.74
C VAL C 325 65.99 10.84 4.34
N LEU C 326 66.65 10.77 3.17
CA LEU C 326 67.29 9.54 2.72
C LEU C 326 68.81 9.57 2.87
N TYR C 327 69.40 10.76 2.94
CA TYR C 327 70.84 10.92 3.13
C TYR C 327 71.10 12.26 3.81
N PRO C 328 72.04 12.30 4.77
CA PRO C 328 72.85 11.15 5.20
C PRO C 328 72.10 10.22 6.12
N THR C 329 72.64 9.01 6.33
CA THR C 329 72.04 8.10 7.31
C THR C 329 72.10 8.73 8.68
N LEU C 330 71.01 8.60 9.44
CA LEU C 330 70.89 9.24 10.74
C LEU C 330 70.96 8.18 11.83
N GLU C 331 71.77 8.46 12.86
CA GLU C 331 71.79 7.65 14.06
C GLU C 331 70.42 7.72 14.74
N PRO C 332 70.11 6.76 15.63
CA PRO C 332 68.80 6.78 16.31
C PRO C 332 68.44 8.13 16.93
N ASP C 333 69.42 8.94 17.34
CA ASP C 333 69.15 10.27 17.87
C ASP C 333 68.91 11.30 16.77
N GLY C 334 68.95 10.89 15.49
CA GLY C 334 68.69 11.80 14.40
C GLY C 334 69.87 12.65 13.98
N SER C 335 71.09 12.17 14.18
CA SER C 335 72.30 12.93 13.91
C SER C 335 73.20 12.22 12.90
N ALA C 336 74.10 12.99 12.28
CA ALA C 336 75.12 12.43 11.41
C ALA C 336 76.41 13.22 11.59
N LEU C 337 77.53 12.49 11.57
CA LEU C 337 78.83 13.05 11.92
C LEU C 337 79.71 13.16 10.69
N PHE C 338 80.23 14.36 10.44
CA PHE C 338 81.22 14.61 9.40
C PHE C 338 82.43 15.26 10.07
N ASP C 339 83.54 14.53 10.16
CA ASP C 339 84.66 14.96 11.01
C ASP C 339 85.95 15.21 10.25
N MET C 340 85.94 15.23 8.92
CA MET C 340 87.16 15.41 8.15
C MET C 340 87.12 16.68 7.30
N VAL C 341 86.42 17.70 7.76
CA VAL C 341 86.37 18.97 7.04
C VAL C 341 87.68 19.71 7.28
N PRO C 342 88.45 20.00 6.23
CA PRO C 342 89.73 20.68 6.43
C PRO C 342 89.54 22.13 6.80
N ARG C 343 90.35 22.60 7.75
CA ARG C 343 90.29 24.01 8.15
C ARG C 343 90.62 24.93 7.00
N ALA C 344 91.47 24.49 6.08
CA ALA C 344 91.87 25.27 4.92
C ALA C 344 90.82 25.32 3.82
N ALA C 345 89.61 24.85 4.07
CA ALA C 345 88.58 24.83 3.04
C ALA C 345 88.21 26.25 2.60
N GLU C 346 88.14 26.45 1.29
CA GLU C 346 87.70 27.71 0.71
C GLU C 346 86.17 27.80 0.75
N PRO C 347 85.61 29.01 0.77
CA PRO C 347 84.14 29.13 0.80
C PRO C 347 83.51 28.45 -0.40
N GLY C 348 82.44 27.70 -0.13
CA GLY C 348 81.79 26.88 -1.13
C GLY C 348 82.12 25.41 -1.02
N TYR C 349 83.09 25.05 -0.19
CA TYR C 349 83.39 23.64 0.05
C TYR C 349 82.13 22.90 0.47
N LEU C 350 81.83 21.79 -0.22
CA LEU C 350 80.61 21.03 0.03
C LEU C 350 80.85 20.04 1.16
N VAL C 351 80.31 20.35 2.33
CA VAL C 351 80.45 19.46 3.48
C VAL C 351 79.65 18.18 3.27
N THR C 352 78.35 18.33 3.03
CA THR C 352 77.47 17.21 2.71
C THR C 352 76.26 17.76 1.98
N LYS C 353 75.29 16.89 1.70
CA LYS C 353 74.08 17.26 1.00
C LYS C 353 72.92 16.46 1.57
N VAL C 354 71.90 17.16 2.05
CA VAL C 354 70.69 16.48 2.54
C VAL C 354 69.85 16.11 1.33
N VAL C 355 69.53 14.81 1.22
CA VAL C 355 68.72 14.28 0.12
C VAL C 355 67.41 13.77 0.72
N ALA C 356 66.33 14.53 0.51
CA ALA C 356 65.02 14.13 1.00
C ALA C 356 64.07 13.93 -0.18
N VAL C 357 62.99 13.20 0.08
CA VAL C 357 61.92 12.98 -0.89
C VAL C 357 60.58 13.14 -0.19
N ASP C 358 59.52 13.24 -1.00
CA ASP C 358 58.16 13.44 -0.50
C ASP C 358 57.21 12.73 -1.46
N ALA C 359 56.28 11.94 -0.92
CA ALA C 359 55.42 11.10 -1.74
C ALA C 359 54.27 11.86 -2.39
N ASP C 360 54.04 13.11 -2.03
CA ASP C 360 52.91 13.86 -2.56
C ASP C 360 53.26 14.48 -3.91
N SER C 361 52.47 15.44 -4.37
CA SER C 361 52.68 16.07 -5.67
C SER C 361 52.58 17.59 -5.54
N GLY C 362 53.13 18.28 -6.52
CA GLY C 362 53.05 19.74 -6.53
C GLY C 362 53.67 20.37 -5.30
N HIS C 363 52.98 21.40 -4.78
CA HIS C 363 53.50 22.10 -3.60
C HIS C 363 53.57 21.19 -2.39
N ASN C 364 52.72 20.17 -2.33
CA ASN C 364 52.76 19.24 -1.20
C ASN C 364 54.06 18.46 -1.15
N ALA C 365 54.82 18.42 -2.26
CA ALA C 365 56.11 17.74 -2.28
C ALA C 365 57.23 18.65 -2.80
N TRP C 366 57.07 19.97 -2.69
CA TRP C 366 58.12 20.90 -3.06
C TRP C 366 58.97 21.20 -1.83
N LEU C 367 60.18 20.66 -1.79
CA LEU C 367 60.96 20.63 -0.57
C LEU C 367 61.87 21.85 -0.46
N SER C 368 61.95 22.39 0.76
CA SER C 368 62.88 23.45 1.09
C SER C 368 63.66 23.06 2.33
N TYR C 369 64.88 23.58 2.46
CA TYR C 369 65.82 23.21 3.52
C TYR C 369 66.17 24.44 4.34
N HIS C 370 66.03 24.33 5.66
CA HIS C 370 66.22 25.47 6.56
C HIS C 370 67.11 25.08 7.73
N VAL C 371 67.92 26.03 8.17
CA VAL C 371 68.74 25.88 9.37
C VAL C 371 67.89 26.30 10.57
N LEU C 372 67.54 25.34 11.42
CA LEU C 372 66.83 25.71 12.64
C LEU C 372 67.79 26.23 13.70
N GLN C 373 68.96 25.61 13.80
CA GLN C 373 69.94 25.94 14.83
C GLN C 373 71.33 25.83 14.24
N ALA C 374 72.19 26.78 14.61
CA ALA C 374 73.57 26.79 14.16
C ALA C 374 74.47 27.19 15.32
N SER C 375 75.53 26.41 15.56
CA SER C 375 76.50 26.78 16.58
C SER C 375 77.26 28.04 16.22
N ASP C 376 77.37 28.34 14.92
CA ASP C 376 77.92 29.62 14.46
C ASP C 376 77.19 30.00 13.19
N PRO C 377 76.05 30.69 13.31
CA PRO C 377 75.29 31.06 12.11
C PRO C 377 76.12 31.88 11.14
N GLY C 378 75.99 31.58 9.86
CA GLY C 378 76.76 32.23 8.83
C GLY C 378 78.05 31.53 8.45
N LEU C 379 78.56 30.65 9.32
CA LEU C 379 79.72 29.85 8.95
C LEU C 379 79.38 28.90 7.81
N PHE C 380 78.23 28.23 7.90
CA PHE C 380 77.75 27.33 6.86
C PHE C 380 76.50 27.91 6.20
N SER C 381 76.33 27.56 4.93
CA SER C 381 75.13 27.90 4.19
C SER C 381 74.38 26.62 3.83
N LEU C 382 73.06 26.73 3.76
CA LEU C 382 72.20 25.60 3.42
C LEU C 382 71.36 25.99 2.21
N GLY C 383 71.51 25.24 1.13
CA GLY C 383 70.77 25.52 -0.10
C GLY C 383 69.27 25.36 0.10
N LEU C 384 68.52 26.45 -0.10
CA LEU C 384 67.09 26.43 0.17
C LEU C 384 66.40 25.27 -0.55
N ARG C 385 66.74 25.05 -1.82
CA ARG C 385 66.12 24.00 -2.61
C ARG C 385 67.04 22.81 -2.89
N THR C 386 68.36 22.99 -2.77
CA THR C 386 69.31 21.93 -3.08
C THR C 386 69.67 21.06 -1.89
N GLY C 387 69.55 21.57 -0.67
CA GLY C 387 69.97 20.81 0.49
C GLY C 387 71.47 20.70 0.64
N GLU C 388 72.23 21.51 -0.10
CA GLU C 388 73.69 21.48 -0.03
C GLU C 388 74.17 22.24 1.20
N VAL C 389 74.95 21.56 2.04
CA VAL C 389 75.64 22.20 3.16
C VAL C 389 77.04 22.58 2.70
N ARG C 390 77.32 23.88 2.67
CA ARG C 390 78.62 24.37 2.25
C ARG C 390 79.18 25.32 3.31
N THR C 391 80.45 25.67 3.17
CA THR C 391 81.04 26.71 3.99
C THR C 391 80.79 28.05 3.33
N ALA C 392 80.43 29.04 4.14
CA ALA C 392 80.07 30.36 3.62
C ALA C 392 81.18 31.39 3.78
N ARG C 393 82.15 31.13 4.66
CA ARG C 393 83.25 32.05 4.87
C ARG C 393 84.47 31.24 5.30
N ALA C 394 85.64 31.86 5.16
CA ALA C 394 86.88 31.22 5.59
C ALA C 394 86.83 30.91 7.08
N LEU C 395 87.20 29.70 7.44
CA LEU C 395 87.26 29.32 8.84
C LEU C 395 88.27 30.17 9.59
N GLY C 396 87.86 30.73 10.72
CA GLY C 396 88.69 31.64 11.47
C GLY C 396 89.40 30.98 12.64
N ASP C 397 90.37 31.72 13.19
CA ASP C 397 91.10 31.24 14.36
C ASP C 397 90.20 31.12 15.58
N ARG C 398 89.20 31.99 15.69
CA ARG C 398 88.30 32.00 16.84
C ARG C 398 87.05 31.16 16.61
N ASP C 399 87.05 30.27 15.63
CA ASP C 399 85.93 29.38 15.37
C ASP C 399 86.20 28.01 15.98
N SER C 400 85.24 27.51 16.74
CA SER C 400 85.37 26.20 17.38
C SER C 400 85.50 25.10 16.34
N ALA C 401 86.26 24.06 16.69
CA ALA C 401 86.46 22.95 15.77
C ALA C 401 85.19 22.12 15.60
N ARG C 402 84.41 21.96 16.67
CA ARG C 402 83.16 21.23 16.61
C ARG C 402 82.02 22.18 16.30
N GLN C 403 81.25 21.86 15.26
CA GLN C 403 80.09 22.66 14.85
C GLN C 403 78.86 21.77 14.79
N ARG C 404 77.69 22.39 14.93
CA ARG C 404 76.43 21.65 14.95
C ARG C 404 75.35 22.43 14.20
N LEU C 405 74.65 21.74 13.30
CA LEU C 405 73.51 22.29 12.58
C LEU C 405 72.30 21.39 12.81
N LEU C 406 71.18 22.01 13.20
CA LEU C 406 69.88 21.35 13.22
C LEU C 406 69.10 21.85 12.01
N VAL C 407 68.94 20.98 11.01
CA VAL C 407 68.35 21.35 9.73
C VAL C 407 66.96 20.73 9.61
N ALA C 408 66.08 21.46 8.94
CA ALA C 408 64.73 20.99 8.68
C ALA C 408 64.49 20.92 7.17
N VAL C 409 63.88 19.83 6.72
CA VAL C 409 63.35 19.73 5.37
C VAL C 409 61.85 19.94 5.45
N ARG C 410 61.33 20.94 4.75
CA ARG C 410 59.91 21.27 4.77
C ARG C 410 59.31 21.16 3.38
N ASP C 411 58.07 20.69 3.31
CA ASP C 411 57.33 20.74 2.06
C ASP C 411 56.53 22.03 1.97
N GLY C 412 55.96 22.27 0.80
CA GLY C 412 55.22 23.49 0.54
C GLY C 412 53.76 23.45 0.90
N GLY C 413 53.27 22.34 1.45
CA GLY C 413 51.89 22.24 1.88
C GLY C 413 51.54 23.20 2.99
N GLN C 414 50.28 23.24 3.39
CA GLN C 414 49.89 24.03 4.55
C GLN C 414 48.81 23.30 5.35
N PRO C 415 49.11 22.99 6.62
CA PRO C 415 50.39 23.27 7.27
C PRO C 415 51.53 22.41 6.73
N PRO C 416 52.72 22.99 6.60
CA PRO C 416 53.85 22.23 6.06
C PRO C 416 54.29 21.12 6.99
N LEU C 417 54.58 19.96 6.41
CA LEU C 417 55.18 18.85 7.13
C LEU C 417 56.69 18.86 6.93
N SER C 418 57.42 18.34 7.91
CA SER C 418 58.87 18.44 7.89
C SER C 418 59.52 17.20 8.47
N ALA C 419 60.80 17.02 8.12
CA ALA C 419 61.70 16.12 8.79
C ALA C 419 62.92 16.91 9.26
N THR C 420 63.52 16.47 10.35
CA THR C 420 64.69 17.14 10.91
C THR C 420 65.87 16.20 10.92
N ALA C 421 67.07 16.79 11.05
CA ALA C 421 68.31 16.04 11.11
C ALA C 421 69.37 16.93 11.76
N THR C 422 70.14 16.37 12.70
CA THR C 422 71.23 17.09 13.34
C THR C 422 72.53 16.73 12.64
N LEU C 423 73.25 17.75 12.19
CA LEU C 423 74.51 17.57 11.48
C LEU C 423 75.65 18.00 12.39
N HIS C 424 76.53 17.05 12.74
CA HIS C 424 77.73 17.32 13.50
C HIS C 424 78.88 17.55 12.53
N LEU C 425 79.38 18.78 12.46
CA LEU C 425 80.45 19.14 11.55
C LEU C 425 81.70 19.43 12.36
N ILE C 426 82.76 18.65 12.16
CA ILE C 426 83.96 18.71 12.98
C ILE C 426 85.14 18.99 12.07
N PHE C 427 85.75 20.16 12.23
CA PHE C 427 86.94 20.50 11.45
C PHE C 427 88.13 19.71 11.97
N ALA C 428 88.90 19.14 11.06
CA ALA C 428 90.14 18.46 11.41
C ALA C 428 91.28 19.47 11.29
N ASP C 429 92.13 19.52 12.31
CA ASP C 429 93.26 20.42 12.26
C ASP C 429 94.30 19.91 11.26
N SER C 430 95.03 20.85 10.67
CA SER C 430 96.09 20.51 9.72
C SER C 430 97.38 20.13 10.46
#